data_6P0Y
#
_entry.id   6P0Y
#
_cell.length_a   133.465
_cell.length_b   105.305
_cell.length_c   83.453
_cell.angle_alpha   90.000
_cell.angle_beta   90.000
_cell.angle_gamma   90.000
#
_symmetry.space_group_name_H-M   'P 21 21 2'
#
loop_
_entity.id
_entity.type
_entity.pdbx_description
1 polymer 'Pyruvate kinase'
2 non-polymer "ADENOSINE-5'-DIPHOSPHATE"
3 non-polymer 'MAGNESIUM ION'
4 non-polymer 'POTASSIUM ION'
5 non-polymer 'CHLORIDE ION'
6 water water
#
_entity_poly.entity_id   1
_entity_poly.type   'polypeptide(L)'
_entity_poly.pdbx_seq_one_letter_code
;MISNDHLKRLASTSAVMSCTLGKATCLGMDKICSPLADNDVTQRKTQIICTIGPSCNNVESLIGLIDKGMSVARLNFSHG
DHESHFKTLQNIREAAKARPHSTVGIMLDTKGPEIRTGMLEGGKPIELKAGQTLKITTDYSMLGNSECISCSYSLLPKSV
QIGSTVLIADGSLSTQVLEIGDDFIVCKVLNSVTIGERKNMNLPGCKVHLPIIGDKDRHDIVDFALKYNLDFIALSFVQN
GADVQLCRQIISENTQYSNGIPSSIKIISKIENLEGVINFDSICSESDGIMVARGDLGMEIPPEKIFVAQKCMISKCNVA
GKPVVTATQMLESMIKSNRPTRAEMTDVANAVLDGSDCVMLSGETANGAFPFDAVNVMSRVCAQAETCIDYPVLYHAIHS
SVPKPVAVPEAIACSAVESAHDVNAKLIITITETGNTARLISKYRPSQTIIACTAKPEVARGLKIARGVKTYVLNSIHHS
EVVISNALALAKEESLIESGDFAIAVHGVKESCPGSCNLMKIVRCP
;
_entity_poly.pdbx_strand_id   A,B
#
# COMPACT_ATOMS: atom_id res chain seq x y z
N GLY A 22 -10.47 -8.23 -11.03
CA GLY A 22 -10.89 -8.38 -9.60
C GLY A 22 -12.37 -8.08 -9.42
N LYS A 23 -13.15 -9.09 -9.01
CA LYS A 23 -14.63 -9.00 -8.90
C LYS A 23 -15.07 -8.79 -7.44
N ALA A 24 -14.36 -9.37 -6.46
CA ALA A 24 -14.66 -9.20 -5.01
C ALA A 24 -14.48 -7.73 -4.60
N THR A 25 -13.47 -7.05 -5.15
CA THR A 25 -13.14 -5.61 -4.90
C THR A 25 -14.31 -4.73 -5.35
N CYS A 26 -14.96 -5.09 -6.47
CA CYS A 26 -16.02 -4.29 -7.14
C CYS A 26 -17.40 -4.63 -6.55
N LEU A 27 -17.57 -5.82 -5.96
CA LEU A 27 -18.74 -6.16 -5.12
C LEU A 27 -18.69 -5.31 -3.83
N GLY A 28 -17.49 -5.07 -3.32
CA GLY A 28 -17.23 -4.13 -2.20
C GLY A 28 -17.67 -2.72 -2.54
N MET A 29 -17.35 -2.24 -3.75
CA MET A 29 -17.67 -0.87 -4.24
C MET A 29 -19.18 -0.75 -4.48
N ASP A 30 -19.85 -1.83 -4.91
CA ASP A 30 -21.31 -1.85 -5.16
C ASP A 30 -22.06 -1.70 -3.83
N LYS A 31 -21.47 -2.16 -2.72
CA LYS A 31 -22.04 -2.04 -1.35
C LYS A 31 -21.83 -0.62 -0.81
N ILE A 32 -20.70 0.01 -1.14
CA ILE A 32 -20.35 1.42 -0.75
C ILE A 32 -21.41 2.38 -1.30
N CYS A 33 -22.09 2.01 -2.40
CA CYS A 33 -23.03 2.86 -3.17
C CYS A 33 -24.49 2.51 -2.88
N SER A 34 -24.79 1.82 -1.77
CA SER A 34 -26.15 1.31 -1.41
C SER A 34 -26.54 1.74 0.00
N PRO A 35 -27.84 1.63 0.39
CA PRO A 35 -28.29 1.99 1.74
C PRO A 35 -27.65 1.19 2.89
N LEU A 36 -27.41 -0.12 2.70
CA LEU A 36 -26.64 -0.97 3.65
C LEU A 36 -25.19 -1.11 3.15
N ASN A 39 -24.06 -0.40 7.41
CA ASN A 39 -24.49 -1.78 7.79
C ASN A 39 -23.42 -2.78 7.33
N ASP A 40 -22.19 -2.63 7.84
CA ASP A 40 -21.05 -3.56 7.61
C ASP A 40 -21.35 -4.88 8.33
N VAL A 41 -21.61 -5.94 7.57
CA VAL A 41 -21.67 -7.35 8.09
C VAL A 41 -20.34 -8.02 7.74
N THR A 42 -19.35 -7.86 8.62
CA THR A 42 -17.94 -8.29 8.42
C THR A 42 -17.33 -8.67 9.78
N GLN A 43 -16.67 -9.82 9.87
CA GLN A 43 -15.86 -10.24 11.04
C GLN A 43 -14.39 -10.41 10.61
N ARG A 44 -13.49 -9.70 11.29
CA ARG A 44 -12.03 -9.71 11.01
C ARG A 44 -11.46 -11.11 11.30
N LYS A 45 -10.64 -11.62 10.38
CA LYS A 45 -9.98 -12.94 10.48
C LYS A 45 -8.47 -12.75 10.72
N THR A 46 -7.87 -11.71 10.15
CA THR A 46 -6.44 -11.33 10.41
C THR A 46 -6.25 -11.20 11.92
N GLN A 47 -5.27 -11.91 12.48
CA GLN A 47 -4.93 -11.87 13.92
C GLN A 47 -4.14 -10.58 14.19
N ILE A 48 -4.20 -10.07 15.42
CA ILE A 48 -3.52 -8.80 15.84
C ILE A 48 -2.59 -9.10 17.01
N ILE A 49 -1.31 -8.77 16.87
CA ILE A 49 -0.30 -8.76 17.97
C ILE A 49 -0.25 -7.34 18.55
N CYS A 50 -0.37 -7.20 19.86
CA CYS A 50 -0.18 -5.92 20.60
C CYS A 50 1.08 -6.03 21.45
N THR A 51 2.05 -5.14 21.20
CA THR A 51 3.28 -4.97 22.03
C THR A 51 2.85 -4.32 23.35
N ILE A 52 3.08 -5.01 24.47
CA ILE A 52 2.69 -4.55 25.84
C ILE A 52 3.83 -3.72 26.41
N GLY A 53 3.51 -2.53 26.94
CA GLY A 53 4.47 -1.60 27.56
C GLY A 53 3.77 -0.66 28.54
N PRO A 54 4.47 0.41 29.01
CA PRO A 54 3.90 1.37 29.96
C PRO A 54 2.48 1.87 29.66
N SER A 55 2.15 2.12 28.39
CA SER A 55 0.86 2.73 27.93
C SER A 55 -0.32 1.77 28.13
N CYS A 56 -0.07 0.46 28.27
CA CYS A 56 -1.14 -0.59 28.38
C CYS A 56 -0.66 -1.74 29.27
N ASN A 57 0.05 -1.43 30.35
CA ASN A 57 0.76 -2.42 31.21
C ASN A 57 -0.20 -3.00 32.26
N ASN A 58 -1.19 -2.22 32.71
CA ASN A 58 -2.11 -2.58 33.81
C ASN A 58 -3.22 -3.52 33.29
N VAL A 59 -3.94 -4.16 34.21
CA VAL A 59 -4.98 -5.21 33.93
C VAL A 59 -6.16 -4.58 33.18
N GLU A 60 -6.49 -3.33 33.48
CA GLU A 60 -7.68 -2.63 32.91
C GLU A 60 -7.42 -2.28 31.44
N SER A 61 -6.19 -1.89 31.10
CA SER A 61 -5.76 -1.55 29.70
C SER A 61 -5.75 -2.83 28.85
N LEU A 62 -5.20 -3.92 29.38
CA LEU A 62 -5.05 -5.21 28.66
C LEU A 62 -6.43 -5.79 28.33
N ILE A 63 -7.40 -5.67 29.24
CA ILE A 63 -8.83 -6.01 28.98
C ILE A 63 -9.35 -5.11 27.85
N GLY A 64 -8.97 -3.83 27.86
CA GLY A 64 -9.27 -2.87 26.79
C GLY A 64 -8.78 -3.35 25.44
N LEU A 65 -7.54 -3.85 25.37
CA LEU A 65 -6.90 -4.35 24.12
C LEU A 65 -7.63 -5.62 23.65
N ILE A 66 -7.99 -6.53 24.57
CA ILE A 66 -8.72 -7.79 24.26
C ILE A 66 -10.04 -7.44 23.55
N ASP A 67 -10.79 -6.46 24.09
CA ASP A 67 -12.12 -6.07 23.58
C ASP A 67 -12.00 -5.46 22.18
N LYS A 68 -10.91 -4.74 21.90
CA LYS A 68 -10.69 -4.06 20.59
C LYS A 68 -10.12 -5.05 19.57
N GLY A 69 -9.57 -6.18 20.02
CA GLY A 69 -9.30 -7.36 19.18
C GLY A 69 -7.88 -7.91 19.26
N MET A 70 -7.24 -7.85 20.43
CA MET A 70 -5.86 -8.40 20.64
C MET A 70 -5.92 -9.94 20.57
N SER A 71 -5.16 -10.54 19.66
CA SER A 71 -4.98 -12.00 19.52
C SER A 71 -3.81 -12.47 20.40
N VAL A 72 -2.71 -11.71 20.41
CA VAL A 72 -1.42 -12.10 21.05
C VAL A 72 -0.81 -10.89 21.75
N ALA A 73 -0.25 -11.10 22.95
CA ALA A 73 0.50 -10.10 23.75
C ALA A 73 2.00 -10.33 23.52
N ARG A 74 2.72 -9.29 23.08
CA ARG A 74 4.17 -9.34 22.76
C ARG A 74 4.97 -8.68 23.88
N LEU A 75 5.91 -9.43 24.47
CA LEU A 75 6.92 -8.93 25.43
C LEU A 75 8.25 -8.81 24.69
N ASN A 76 8.63 -7.57 24.35
CA ASN A 76 9.91 -7.24 23.70
C ASN A 76 10.98 -7.19 24.79
N PHE A 77 11.81 -8.24 24.88
CA PHE A 77 12.85 -8.42 25.94
C PHE A 77 14.10 -7.60 25.62
N SER A 78 14.04 -6.74 24.59
CA SER A 78 14.99 -5.63 24.35
C SER A 78 14.73 -4.52 25.38
N HIS A 79 13.53 -4.51 25.97
CA HIS A 79 13.06 -3.51 26.96
C HIS A 79 12.62 -4.23 28.25
N GLY A 80 12.37 -3.45 29.31
CA GLY A 80 11.93 -3.95 30.63
C GLY A 80 13.09 -4.61 31.37
N ASP A 81 12.82 -5.03 32.62
CA ASP A 81 13.77 -5.75 33.50
C ASP A 81 13.07 -6.99 34.06
N HIS A 82 13.78 -7.82 34.82
CA HIS A 82 13.29 -9.11 35.39
C HIS A 82 11.94 -8.88 36.08
N GLU A 83 11.80 -7.80 36.84
CA GLU A 83 10.61 -7.49 37.68
C GLU A 83 9.40 -7.13 36.79
N SER A 84 9.57 -6.19 35.87
CA SER A 84 8.47 -5.64 35.02
C SER A 84 7.95 -6.72 34.05
N HIS A 85 8.84 -7.60 33.57
CA HIS A 85 8.51 -8.74 32.68
C HIS A 85 7.52 -9.67 33.39
N PHE A 86 7.81 -10.04 34.63
CA PHE A 86 6.99 -10.95 35.47
C PHE A 86 5.66 -10.29 35.83
N LYS A 87 5.71 -9.03 36.27
CA LYS A 87 4.52 -8.20 36.63
C LYS A 87 3.57 -8.14 35.43
N THR A 88 4.09 -7.81 34.25
CA THR A 88 3.30 -7.70 32.99
C THR A 88 2.66 -9.06 32.65
N LEU A 89 3.38 -10.16 32.82
CA LEU A 89 2.88 -11.53 32.53
C LEU A 89 1.66 -11.81 33.42
N GLN A 90 1.75 -11.49 34.71
CA GLN A 90 0.64 -11.66 35.70
C GLN A 90 -0.57 -10.83 35.26
N ASN A 91 -0.36 -9.60 34.78
CA ASN A 91 -1.41 -8.65 34.37
C ASN A 91 -2.15 -9.19 33.13
N ILE A 92 -1.41 -9.66 32.13
CA ILE A 92 -1.97 -10.27 30.88
C ILE A 92 -2.89 -11.44 31.27
N ARG A 93 -2.41 -12.31 32.17
CA ARG A 93 -3.12 -13.56 32.57
C ARG A 93 -4.31 -13.23 33.47
N GLU A 94 -4.25 -12.14 34.24
CA GLU A 94 -5.40 -11.64 35.04
C GLU A 94 -6.45 -11.07 34.09
N ALA A 95 -6.02 -10.30 33.09
CA ALA A 95 -6.88 -9.74 32.02
C ALA A 95 -7.54 -10.88 31.24
N ALA A 96 -6.80 -11.97 31.00
CA ALA A 96 -7.26 -13.18 30.29
C ALA A 96 -8.43 -13.83 31.04
N LYS A 97 -8.32 -13.93 32.38
CA LYS A 97 -9.35 -14.55 33.26
C LYS A 97 -10.65 -13.72 33.23
N ALA A 98 -10.55 -12.41 32.98
CA ALA A 98 -11.68 -11.45 32.97
C ALA A 98 -12.42 -11.50 31.63
N ARG A 99 -11.93 -12.28 30.65
CA ARG A 99 -12.59 -12.49 29.33
C ARG A 99 -12.44 -13.95 28.92
N PRO A 100 -13.22 -14.87 29.51
CA PRO A 100 -13.08 -16.31 29.23
C PRO A 100 -13.35 -16.75 27.78
N HIS A 101 -14.07 -15.94 27.00
CA HIS A 101 -14.50 -16.27 25.61
C HIS A 101 -13.44 -15.82 24.59
N SER A 102 -12.47 -15.00 25.01
CA SER A 102 -11.31 -14.54 24.19
C SER A 102 -10.04 -15.23 24.70
N THR A 103 -9.28 -15.86 23.79
CA THR A 103 -7.99 -16.52 24.09
C THR A 103 -6.85 -15.60 23.63
N VAL A 104 -5.90 -15.32 24.53
CA VAL A 104 -4.76 -14.38 24.29
C VAL A 104 -3.45 -15.16 24.32
N GLY A 105 -2.75 -15.22 23.20
CA GLY A 105 -1.39 -15.80 23.10
C GLY A 105 -0.37 -14.86 23.68
N ILE A 106 0.72 -15.40 24.22
CA ILE A 106 1.84 -14.60 24.83
C ILE A 106 3.13 -14.95 24.10
N MET A 107 3.78 -13.92 23.56
CA MET A 107 4.97 -14.02 22.67
C MET A 107 6.16 -13.35 23.37
N LEU A 108 7.28 -14.07 23.52
CA LEU A 108 8.58 -13.51 23.96
C LEU A 108 9.41 -13.17 22.72
N ASP A 109 9.67 -11.88 22.50
CA ASP A 109 10.52 -11.37 21.38
C ASP A 109 11.94 -11.17 21.93
N THR A 110 12.88 -12.00 21.46
CA THR A 110 14.28 -12.09 21.98
C THR A 110 15.05 -10.81 21.66
N LYS A 111 15.97 -10.40 22.55
CA LYS A 111 16.89 -9.26 22.33
C LYS A 111 17.79 -9.60 21.14
N GLY A 112 18.48 -10.73 21.21
CA GLY A 112 19.37 -11.25 20.16
C GLY A 112 20.55 -10.32 19.91
N PRO A 113 21.18 -10.38 18.72
CA PRO A 113 22.39 -9.61 18.43
C PRO A 113 22.14 -8.15 18.02
N GLU A 114 21.16 -7.48 18.63
CA GLU A 114 20.80 -6.08 18.32
C GLU A 114 21.90 -5.12 18.82
N ILE A 115 21.91 -3.90 18.28
CA ILE A 115 22.76 -2.75 18.75
C ILE A 115 21.83 -1.58 19.07
N ARG A 116 22.03 -0.93 20.21
CA ARG A 116 21.13 0.12 20.78
C ARG A 116 21.91 1.42 21.00
N THR A 117 21.25 2.57 20.79
CA THR A 117 21.72 3.90 21.26
C THR A 117 21.64 3.91 22.79
N GLY A 118 22.46 4.72 23.46
CA GLY A 118 22.42 4.89 24.92
C GLY A 118 21.33 5.87 25.31
N MET A 119 21.34 6.27 26.59
CA MET A 119 20.35 7.19 27.20
C MET A 119 20.66 8.63 26.78
N LEU A 120 19.65 9.51 26.79
CA LEU A 120 19.80 10.97 26.55
C LEU A 120 19.79 11.70 27.89
N GLU A 121 19.97 13.02 27.88
CA GLU A 121 20.12 13.87 29.10
C GLU A 121 18.76 13.99 29.79
N GLY A 122 18.56 13.24 30.88
CA GLY A 122 17.32 13.22 31.68
C GLY A 122 16.06 13.14 30.83
N GLY A 123 16.13 12.47 29.66
CA GLY A 123 15.01 12.27 28.73
C GLY A 123 14.95 13.32 27.64
N LYS A 124 13.76 13.46 27.04
CA LYS A 124 13.42 14.40 25.92
C LYS A 124 14.07 13.92 24.62
N PRO A 125 13.29 13.79 23.51
CA PRO A 125 13.85 13.36 22.23
C PRO A 125 14.54 14.51 21.47
N ILE A 126 15.77 14.27 21.02
CA ILE A 126 16.63 15.28 20.32
C ILE A 126 16.14 15.44 18.87
N GLU A 127 16.22 16.66 18.33
CA GLU A 127 15.82 17.04 16.94
C GLU A 127 17.07 17.17 16.07
N LEU A 128 17.48 16.09 15.41
CA LEU A 128 18.64 16.09 14.47
C LEU A 128 18.22 16.80 13.18
N LYS A 129 19.07 17.69 12.67
CA LYS A 129 18.83 18.49 11.43
C LYS A 129 19.76 17.99 10.31
N ALA A 130 19.21 17.75 9.12
CA ALA A 130 19.94 17.28 7.92
C ALA A 130 21.13 18.19 7.64
N GLY A 131 22.33 17.61 7.50
CA GLY A 131 23.58 18.32 7.21
C GLY A 131 24.50 18.40 8.42
N GLN A 132 23.94 18.39 9.63
CA GLN A 132 24.69 18.47 10.92
C GLN A 132 25.61 17.25 11.06
N THR A 133 26.60 17.33 11.97
CA THR A 133 27.43 16.18 12.41
C THR A 133 26.83 15.63 13.71
N LEU A 134 27.00 14.31 13.93
CA LEU A 134 26.60 13.59 15.17
C LEU A 134 27.75 12.66 15.58
N LYS A 135 28.29 12.84 16.79
CA LYS A 135 29.30 11.93 17.38
C LYS A 135 28.58 10.76 18.07
N ILE A 136 29.14 9.56 17.99
CA ILE A 136 28.59 8.32 18.62
C ILE A 136 29.72 7.62 19.37
N THR A 137 29.61 7.52 20.70
CA THR A 137 30.65 7.01 21.64
C THR A 137 30.33 5.57 22.03
N THR A 138 31.35 4.81 22.46
CA THR A 138 31.27 3.39 22.90
C THR A 138 31.14 3.33 24.43
N ASP A 139 31.06 4.48 25.09
CA ASP A 139 30.81 4.60 26.56
C ASP A 139 29.30 4.73 26.77
N TYR A 140 28.62 3.60 27.05
CA TYR A 140 27.14 3.49 27.16
C TYR A 140 26.65 4.33 28.35
N SER A 141 27.42 4.36 29.43
CA SER A 141 27.16 5.15 30.66
C SER A 141 27.50 6.63 30.43
N MET A 142 26.91 7.22 29.37
CA MET A 142 27.09 8.64 28.99
C MET A 142 25.73 9.20 28.54
N LEU A 143 25.27 10.26 29.21
CA LEU A 143 23.99 10.95 28.90
C LEU A 143 24.20 11.83 27.65
N GLY A 144 23.64 11.41 26.51
CA GLY A 144 23.88 12.02 25.18
C GLY A 144 22.96 13.20 24.90
N ASN A 145 23.35 14.03 23.93
CA ASN A 145 22.66 15.27 23.51
C ASN A 145 22.48 15.24 21.98
N SER A 146 22.17 16.38 21.35
CA SER A 146 21.89 16.50 19.89
C SER A 146 23.21 16.69 19.09
N GLU A 147 24.37 16.49 19.72
CA GLU A 147 25.71 16.49 19.07
C GLU A 147 26.41 15.15 19.29
N CYS A 148 26.31 14.58 20.50
CA CYS A 148 26.94 13.29 20.89
C CYS A 148 25.90 12.36 21.55
N ILE A 149 25.75 11.13 21.04
CA ILE A 149 24.90 10.04 21.61
C ILE A 149 25.78 8.81 21.87
N SER A 150 25.23 7.77 22.52
CA SER A 150 25.98 6.55 22.98
C SER A 150 25.67 5.35 22.08
N CYS A 151 26.41 4.25 22.23
CA CYS A 151 26.24 2.96 21.49
C CYS A 151 26.60 1.77 22.37
N SER A 152 25.78 0.71 22.34
CA SER A 152 25.86 -0.50 23.21
C SER A 152 26.97 -1.44 22.75
N TYR A 153 27.46 -1.27 21.51
CA TYR A 153 28.39 -2.19 20.81
C TYR A 153 29.80 -1.59 20.84
N SER A 154 30.71 -2.22 21.59
CA SER A 154 32.09 -1.73 21.88
C SER A 154 32.99 -1.81 20.64
N LEU A 155 32.68 -2.69 19.68
CA LEU A 155 33.46 -2.89 18.43
C LEU A 155 32.85 -2.09 17.28
N LEU A 156 32.23 -0.93 17.57
CA LEU A 156 31.52 -0.09 16.56
C LEU A 156 32.53 0.57 15.62
N PRO A 157 33.61 1.21 16.11
CA PRO A 157 34.60 1.83 15.23
C PRO A 157 35.36 0.84 14.34
N LYS A 158 35.52 -0.41 14.81
CA LYS A 158 36.31 -1.49 14.15
C LYS A 158 35.45 -2.31 13.20
N SER A 159 34.20 -1.89 12.94
CA SER A 159 33.21 -2.59 12.07
C SER A 159 32.49 -1.59 11.16
N VAL A 160 33.18 -0.53 10.75
CA VAL A 160 32.65 0.59 9.93
C VAL A 160 33.82 1.21 9.14
N GLN A 161 33.60 1.59 7.87
CA GLN A 161 34.55 2.39 7.05
C GLN A 161 33.99 3.80 6.90
N ILE A 162 34.77 4.74 6.34
CA ILE A 162 34.34 6.15 6.11
C ILE A 162 33.39 6.17 4.91
N GLY A 163 32.27 6.88 5.02
CA GLY A 163 31.21 6.93 3.99
C GLY A 163 30.10 5.91 4.24
N SER A 164 30.33 4.95 5.15
CA SER A 164 29.33 3.93 5.59
C SER A 164 28.06 4.63 6.08
N THR A 165 26.90 4.10 5.71
CA THR A 165 25.56 4.54 6.20
C THR A 165 25.25 3.76 7.50
N VAL A 166 24.87 4.49 8.56
CA VAL A 166 24.48 3.93 9.89
C VAL A 166 23.04 4.38 10.17
N LEU A 167 22.09 3.44 10.16
CA LEU A 167 20.64 3.73 10.35
C LEU A 167 20.27 3.60 11.83
N ILE A 168 19.43 4.51 12.33
CA ILE A 168 18.96 4.58 13.75
C ILE A 168 17.43 4.62 13.77
N ALA A 169 16.81 4.01 14.79
CA ALA A 169 15.37 4.05 15.09
C ALA A 169 14.57 3.45 13.91
N ASP A 170 14.60 2.12 13.78
CA ASP A 170 13.95 1.34 12.70
C ASP A 170 14.26 1.97 11.33
N GLY A 171 15.48 2.50 11.17
CA GLY A 171 15.98 3.12 9.93
C GLY A 171 15.21 4.38 9.55
N SER A 172 14.88 5.24 10.52
CA SER A 172 14.22 6.55 10.32
C SER A 172 15.28 7.65 10.16
N LEU A 173 16.36 7.59 10.97
CA LEU A 173 17.53 8.50 10.91
C LEU A 173 18.64 7.82 10.09
N SER A 174 18.95 8.36 8.91
CA SER A 174 20.10 7.97 8.05
C SER A 174 21.29 8.89 8.35
N THR A 175 22.49 8.32 8.50
CA THR A 175 23.74 9.09 8.77
C THR A 175 24.91 8.47 7.98
N GLN A 176 25.88 9.30 7.58
CA GLN A 176 27.11 8.90 6.86
C GLN A 176 28.32 9.22 7.75
N VAL A 177 29.24 8.27 7.91
CA VAL A 177 30.39 8.34 8.85
C VAL A 177 31.48 9.23 8.22
N LEU A 178 31.86 10.30 8.92
CA LEU A 178 32.90 11.29 8.50
C LEU A 178 34.26 10.87 9.06
N GLU A 179 34.31 10.50 10.34
CA GLU A 179 35.55 10.19 11.10
C GLU A 179 35.38 8.89 11.90
N ILE A 180 36.46 8.14 12.11
CA ILE A 180 36.52 6.90 12.95
C ILE A 180 37.65 7.08 13.98
N GLY A 181 37.30 7.14 15.27
CA GLY A 181 38.25 7.29 16.39
C GLY A 181 38.65 5.95 16.99
N ASP A 182 39.20 5.99 18.21
CA ASP A 182 39.62 4.78 18.98
C ASP A 182 38.37 4.07 19.51
N ASP A 183 37.48 4.82 20.17
CA ASP A 183 36.29 4.28 20.88
C ASP A 183 35.04 5.11 20.52
N PHE A 184 34.98 5.66 19.29
CA PHE A 184 33.82 6.45 18.80
C PHE A 184 33.89 6.58 17.26
N ILE A 185 32.84 7.18 16.69
CA ILE A 185 32.76 7.63 15.25
C ILE A 185 32.04 8.99 15.23
N VAL A 186 32.19 9.76 14.15
CA VAL A 186 31.40 11.00 13.88
C VAL A 186 30.66 10.81 12.55
N CYS A 187 29.40 11.23 12.48
CA CYS A 187 28.45 10.93 11.39
C CYS A 187 27.78 12.21 10.90
N LYS A 188 27.69 12.41 9.58
CA LYS A 188 26.89 13.48 8.95
C LYS A 188 25.43 13.01 8.86
N VAL A 189 24.52 13.69 9.57
CA VAL A 189 23.04 13.42 9.54
C VAL A 189 22.54 13.76 8.13
N LEU A 190 21.67 12.92 7.56
CA LEU A 190 21.12 13.06 6.18
C LEU A 190 19.61 13.33 6.22
N ASN A 191 19.02 13.44 7.41
CA ASN A 191 17.55 13.58 7.63
C ASN A 191 17.29 14.58 8.76
N SER A 192 16.27 15.44 8.59
CA SER A 192 15.60 16.21 9.67
C SER A 192 14.61 15.28 10.38
N VAL A 193 14.88 14.92 11.63
CA VAL A 193 14.19 13.81 12.37
C VAL A 193 14.41 14.00 13.87
N THR A 194 13.47 13.49 14.68
CA THR A 194 13.42 13.60 16.17
C THR A 194 13.41 12.19 16.77
N ILE A 195 14.53 11.75 17.36
CA ILE A 195 14.72 10.35 17.90
C ILE A 195 14.89 10.40 19.42
N GLY A 196 14.31 9.40 20.11
CA GLY A 196 14.32 9.28 21.58
C GLY A 196 15.51 8.47 22.08
N GLU A 197 15.33 7.78 23.22
CA GLU A 197 16.38 6.98 23.94
C GLU A 197 16.31 5.51 23.52
N ARG A 198 17.43 4.80 23.71
CA ARG A 198 17.60 3.32 23.54
C ARG A 198 16.84 2.85 22.29
N LYS A 199 17.07 3.50 21.15
CA LYS A 199 16.58 3.09 19.81
C LYS A 199 17.62 2.16 19.17
N ASN A 200 17.22 1.36 18.17
CA ASN A 200 18.09 0.34 17.54
C ASN A 200 18.97 1.00 16.47
N MET A 201 20.18 0.47 16.27
CA MET A 201 21.12 0.87 15.19
C MET A 201 21.34 -0.30 14.23
N ASN A 202 21.41 -0.01 12.93
CA ASN A 202 21.74 -1.00 11.86
C ASN A 202 23.06 -0.58 11.18
N LEU A 203 23.95 -1.54 10.96
CA LEU A 203 25.30 -1.33 10.38
C LEU A 203 25.47 -2.18 9.13
N PRO A 204 26.41 -1.81 8.21
CA PRO A 204 26.67 -2.61 7.00
C PRO A 204 27.07 -4.07 7.30
N GLY A 205 26.60 -5.01 6.49
CA GLY A 205 27.01 -6.42 6.51
C GLY A 205 25.81 -7.37 6.39
N CYS A 206 26.08 -8.68 6.37
CA CYS A 206 25.08 -9.77 6.26
C CYS A 206 25.40 -10.87 7.28
N VAL A 208 25.27 -9.09 11.15
CA VAL A 208 25.16 -9.50 12.59
C VAL A 208 26.51 -10.06 13.05
N HIS A 209 27.25 -9.28 13.85
CA HIS A 209 28.62 -9.57 14.34
C HIS A 209 28.57 -10.23 15.72
N LEU A 210 27.37 -10.63 16.20
CA LEU A 210 27.12 -11.20 17.55
C LEU A 210 26.41 -12.52 17.37
N PRO A 211 26.24 -13.36 18.42
CA PRO A 211 25.47 -14.61 18.29
C PRO A 211 23.96 -14.37 18.19
N ILE A 212 23.26 -15.17 17.37
CA ILE A 212 21.79 -15.06 17.14
C ILE A 212 21.08 -15.33 18.46
N ILE A 213 21.46 -16.43 19.12
CA ILE A 213 20.98 -16.85 20.47
C ILE A 213 22.17 -16.81 21.43
N GLY A 214 22.30 -15.70 22.18
CA GLY A 214 23.38 -15.48 23.17
C GLY A 214 23.04 -16.11 24.52
N ASP A 215 23.82 -15.77 25.55
CA ASP A 215 23.61 -16.24 26.94
C ASP A 215 22.25 -15.73 27.45
N LYS A 216 21.98 -14.43 27.28
CA LYS A 216 20.74 -13.78 27.75
C LYS A 216 19.51 -14.43 27.09
N ASP A 217 19.63 -14.74 25.80
CA ASP A 217 18.51 -15.24 24.95
C ASP A 217 18.20 -16.69 25.33
N ARG A 218 19.23 -17.53 25.51
CA ARG A 218 19.09 -18.93 26.00
C ARG A 218 18.47 -18.91 27.40
N HIS A 219 18.82 -17.90 28.22
CA HIS A 219 18.31 -17.71 29.59
C HIS A 219 16.84 -17.27 29.54
N ASP A 220 16.53 -16.26 28.71
CA ASP A 220 15.17 -15.70 28.54
C ASP A 220 14.22 -16.79 28.00
N ILE A 221 14.70 -17.66 27.12
CA ILE A 221 13.90 -18.77 26.52
C ILE A 221 13.58 -19.80 27.62
N VAL A 222 14.61 -20.28 28.33
CA VAL A 222 14.49 -21.38 29.33
C VAL A 222 13.78 -20.87 30.59
N ASP A 223 14.25 -19.74 31.16
CA ASP A 223 13.86 -19.29 32.52
C ASP A 223 12.76 -18.22 32.46
N PHE A 224 12.13 -17.98 31.30
CA PHE A 224 10.90 -17.16 31.18
C PHE A 224 9.90 -17.84 30.23
N ALA A 225 10.22 -17.96 28.94
CA ALA A 225 9.30 -18.51 27.91
C ALA A 225 8.87 -19.92 28.30
N LEU A 226 9.82 -20.82 28.58
CA LEU A 226 9.53 -22.23 28.98
C LEU A 226 9.06 -22.26 30.44
N LYS A 227 9.74 -21.52 31.33
CA LYS A 227 9.47 -21.52 32.80
C LYS A 227 8.00 -21.16 33.08
N TYR A 228 7.49 -20.10 32.43
CA TYR A 228 6.11 -19.58 32.65
C TYR A 228 5.18 -20.01 31.51
N ASN A 229 5.59 -20.97 30.69
CA ASN A 229 4.71 -21.69 29.72
C ASN A 229 4.09 -20.70 28.74
N LEU A 230 4.94 -19.91 28.06
CA LEU A 230 4.51 -18.95 27.00
C LEU A 230 4.20 -19.74 25.72
N ASP A 231 3.68 -19.06 24.69
CA ASP A 231 3.08 -19.69 23.48
C ASP A 231 3.97 -19.48 22.24
N PHE A 232 4.67 -18.33 22.15
CA PHE A 232 5.49 -17.95 20.97
C PHE A 232 6.85 -17.40 21.43
N ILE A 233 7.93 -17.88 20.81
CA ILE A 233 9.27 -17.23 20.82
C ILE A 233 9.45 -16.55 19.47
N ALA A 234 9.47 -15.22 19.45
CA ALA A 234 9.76 -14.41 18.24
C ALA A 234 11.28 -14.24 18.13
N LEU A 235 11.93 -15.15 17.39
CA LEU A 235 13.40 -15.30 17.35
C LEU A 235 14.00 -14.22 16.45
N SER A 236 14.66 -13.23 17.06
CA SER A 236 15.20 -12.02 16.37
C SER A 236 16.43 -12.39 15.53
N PHE A 237 16.55 -11.78 14.35
CA PHE A 237 17.70 -11.84 13.42
C PHE A 237 18.05 -13.29 13.06
N VAL A 238 17.05 -14.11 12.69
CA VAL A 238 17.26 -15.50 12.19
C VAL A 238 17.91 -15.39 10.80
N GLN A 239 18.96 -16.17 10.56
CA GLN A 239 19.82 -16.05 9.34
C GLN A 239 19.88 -17.35 8.54
N ASN A 240 19.45 -18.49 9.11
CA ASN A 240 19.39 -19.80 8.40
C ASN A 240 18.66 -20.84 9.26
N GLY A 241 18.39 -22.01 8.69
CA GLY A 241 17.69 -23.13 9.36
C GLY A 241 18.36 -23.52 10.67
N ALA A 242 19.70 -23.47 10.71
CA ALA A 242 20.54 -23.90 11.86
C ALA A 242 20.21 -23.06 13.10
N ASP A 243 19.93 -21.76 12.94
CA ASP A 243 19.53 -20.84 14.03
C ASP A 243 18.23 -21.35 14.69
N VAL A 244 17.28 -21.83 13.88
CA VAL A 244 15.96 -22.34 14.34
C VAL A 244 16.17 -23.72 14.99
N GLN A 245 17.02 -24.57 14.40
CA GLN A 245 17.36 -25.92 14.92
C GLN A 245 17.99 -25.77 16.31
N LEU A 246 18.84 -24.75 16.50
CA LEU A 246 19.49 -24.44 17.81
C LEU A 246 18.41 -24.14 18.84
N CYS A 247 17.46 -23.24 18.52
CA CYS A 247 16.34 -22.84 19.42
C CYS A 247 15.48 -24.06 19.77
N ARG A 248 15.27 -24.98 18.83
CA ARG A 248 14.48 -26.23 19.02
C ARG A 248 15.25 -27.17 19.95
N GLN A 249 16.58 -27.19 19.85
CA GLN A 249 17.46 -28.04 20.69
C GLN A 249 17.33 -27.59 22.15
N ILE A 250 17.38 -26.28 22.39
CA ILE A 250 17.26 -25.64 23.73
C ILE A 250 15.93 -26.08 24.37
N ILE A 251 14.84 -26.03 23.60
CA ILE A 251 13.45 -26.37 24.04
C ILE A 251 13.38 -27.86 24.42
N SER A 252 13.94 -28.73 23.59
CA SER A 252 13.89 -30.21 23.76
C SER A 252 14.79 -30.65 24.92
N GLU A 253 15.90 -29.94 25.15
CA GLU A 253 16.89 -30.23 26.22
C GLU A 253 16.35 -29.77 27.58
N ASN A 254 15.66 -28.62 27.63
CA ASN A 254 15.16 -27.99 28.89
C ASN A 254 13.68 -28.32 29.08
N THR A 255 13.38 -29.48 29.69
CA THR A 255 12.01 -30.00 29.93
C THR A 255 11.66 -29.93 31.43
N GLN A 256 12.48 -29.25 32.23
CA GLN A 256 12.36 -29.22 33.71
C GLN A 256 11.01 -28.62 34.14
N TYR A 257 10.51 -27.61 33.42
CA TYR A 257 9.31 -26.82 33.79
C TYR A 257 8.03 -27.37 33.14
N SER A 258 8.14 -28.47 32.38
CA SER A 258 7.01 -29.09 31.64
C SER A 258 6.97 -30.62 31.85
N ASN A 259 7.38 -31.08 33.04
CA ASN A 259 7.20 -32.48 33.53
C ASN A 259 8.10 -33.47 32.76
N GLY A 260 8.95 -33.01 31.83
CA GLY A 260 9.84 -33.88 31.04
C GLY A 260 9.35 -34.09 29.61
N ILE A 261 8.22 -33.46 29.24
CA ILE A 261 7.70 -33.40 27.84
C ILE A 261 8.19 -32.11 27.21
N PRO A 262 8.86 -32.16 26.03
CA PRO A 262 9.26 -30.94 25.33
C PRO A 262 8.06 -30.01 25.15
N SER A 263 8.24 -28.72 25.46
CA SER A 263 7.22 -27.65 25.29
C SER A 263 6.81 -27.59 23.81
N SER A 264 5.53 -27.33 23.54
CA SER A 264 4.96 -27.16 22.18
C SER A 264 4.95 -25.66 21.82
N ILE A 265 5.70 -24.83 22.56
CA ILE A 265 5.91 -23.39 22.25
C ILE A 265 6.34 -23.28 20.78
N LYS A 266 5.87 -22.25 20.07
CA LYS A 266 6.04 -22.11 18.61
C LYS A 266 7.17 -21.10 18.34
N ILE A 267 8.04 -21.41 17.37
CA ILE A 267 9.20 -20.55 16.98
C ILE A 267 8.80 -19.74 15.76
N ILE A 268 8.68 -18.42 15.92
CA ILE A 268 8.41 -17.45 14.82
C ILE A 268 9.73 -16.77 14.48
N SER A 269 10.36 -17.14 13.36
CA SER A 269 11.66 -16.59 12.91
C SER A 269 11.44 -15.20 12.32
N LYS A 270 12.15 -14.20 12.83
CA LYS A 270 12.12 -12.81 12.32
C LYS A 270 13.22 -12.65 11.27
N ILE A 271 12.83 -12.31 10.03
CA ILE A 271 13.77 -11.99 8.91
C ILE A 271 14.08 -10.49 8.98
N GLU A 272 15.26 -10.12 9.50
CA GLU A 272 15.64 -8.71 9.78
C GLU A 272 16.86 -8.28 8.95
N ASN A 273 17.38 -9.13 8.06
CA ASN A 273 18.56 -8.80 7.21
C ASN A 273 18.53 -9.64 5.93
N LEU A 274 19.43 -9.32 4.99
CA LEU A 274 19.50 -9.96 3.65
C LEU A 274 19.88 -11.44 3.80
N GLU A 275 20.73 -11.80 4.75
CA GLU A 275 21.11 -13.21 5.03
C GLU A 275 19.83 -14.03 5.22
N GLY A 276 18.91 -13.53 6.05
CA GLY A 276 17.60 -14.17 6.34
C GLY A 276 16.78 -14.36 5.07
N VAL A 277 16.75 -13.35 4.21
CA VAL A 277 15.98 -13.35 2.93
C VAL A 277 16.58 -14.43 2.01
N ILE A 278 17.91 -14.44 1.85
CA ILE A 278 18.68 -15.43 1.04
C ILE A 278 18.27 -16.85 1.50
N ASN A 279 18.21 -17.07 2.82
CA ASN A 279 18.04 -18.41 3.44
C ASN A 279 16.57 -18.66 3.81
N PHE A 280 15.63 -17.87 3.29
CA PHE A 280 14.21 -17.87 3.72
C PHE A 280 13.61 -19.29 3.64
N ASP A 281 13.69 -19.94 2.47
CA ASP A 281 13.11 -21.28 2.19
C ASP A 281 13.42 -22.23 3.36
N SER A 282 14.69 -22.29 3.75
CA SER A 282 15.20 -23.15 4.85
C SER A 282 14.58 -22.70 6.18
N ILE A 283 14.69 -21.41 6.50
CA ILE A 283 14.16 -20.80 7.76
C ILE A 283 12.67 -21.13 7.88
N CYS A 284 11.90 -20.76 6.86
CA CYS A 284 10.42 -20.93 6.75
C CYS A 284 10.03 -22.38 7.02
N SER A 285 10.79 -23.33 6.47
CA SER A 285 10.56 -24.80 6.61
C SER A 285 10.75 -25.22 8.07
N GLU A 286 11.82 -24.76 8.72
CA GLU A 286 12.20 -25.11 10.11
C GLU A 286 11.24 -24.46 11.11
N SER A 287 10.82 -23.22 10.86
CA SER A 287 10.02 -22.38 11.80
C SER A 287 8.54 -22.82 11.77
N ASP A 288 7.78 -22.48 12.81
CA ASP A 288 6.31 -22.67 12.89
C ASP A 288 5.59 -21.46 12.30
N GLY A 289 6.32 -20.36 12.11
CA GLY A 289 5.81 -19.12 11.50
C GLY A 289 6.94 -18.17 11.13
N ILE A 290 6.61 -17.03 10.53
CA ILE A 290 7.58 -16.02 10.03
C ILE A 290 7.07 -14.63 10.39
N MET A 291 7.99 -13.73 10.76
CA MET A 291 7.72 -12.31 11.12
C MET A 291 8.60 -11.42 10.25
N VAL A 292 8.01 -10.47 9.51
CA VAL A 292 8.77 -9.52 8.64
C VAL A 292 8.32 -8.09 8.95
N ALA A 293 9.27 -7.17 9.09
CA ALA A 293 9.05 -5.72 9.26
C ALA A 293 9.81 -4.97 8.16
N ARG A 294 9.13 -4.04 7.49
CA ARG A 294 9.71 -3.14 6.45
C ARG A 294 10.88 -2.36 7.06
N GLY A 295 10.72 -1.90 8.32
CA GLY A 295 11.71 -1.09 9.05
C GLY A 295 13.03 -1.81 9.26
N ASP A 296 13.01 -3.14 9.41
CA ASP A 296 14.23 -3.96 9.70
C ASP A 296 15.02 -4.17 8.40
N LEU A 297 14.36 -4.60 7.33
CA LEU A 297 14.99 -4.92 6.02
C LEU A 297 15.62 -3.66 5.41
N GLY A 298 15.70 -2.58 6.19
CA GLY A 298 16.61 -1.44 5.98
C GLY A 298 18.06 -1.88 5.79
N MET A 299 18.68 -1.37 4.72
CA MET A 299 20.13 -1.52 4.36
C MET A 299 20.36 -2.89 3.71
N GLU A 300 21.27 -2.89 2.71
CA GLU A 300 21.70 -4.03 1.85
C GLU A 300 20.60 -4.36 0.83
N ILE A 301 19.32 -4.20 1.20
CA ILE A 301 18.17 -4.15 0.25
C ILE A 301 17.76 -2.69 0.10
N PRO A 302 17.88 -2.08 -1.10
CA PRO A 302 17.47 -0.69 -1.31
C PRO A 302 16.02 -0.45 -0.90
N PRO A 303 15.69 0.65 -0.20
CA PRO A 303 14.32 0.95 0.21
C PRO A 303 13.22 0.66 -0.83
N GLU A 304 13.50 0.95 -2.12
CA GLU A 304 12.52 0.82 -3.23
C GLU A 304 12.40 -0.65 -3.69
N LYS A 305 13.12 -1.58 -3.05
CA LYS A 305 13.07 -3.03 -3.38
C LYS A 305 12.45 -3.85 -2.24
N ILE A 306 12.22 -3.27 -1.06
CA ILE A 306 11.84 -4.04 0.17
C ILE A 306 10.50 -4.75 -0.07
N PHE A 307 9.51 -4.05 -0.63
CA PHE A 307 8.14 -4.60 -0.86
C PHE A 307 8.25 -5.88 -1.69
N VAL A 308 9.22 -5.96 -2.60
CA VAL A 308 9.49 -7.16 -3.45
C VAL A 308 9.74 -8.35 -2.53
N ALA A 309 10.67 -8.19 -1.58
CA ALA A 309 11.07 -9.22 -0.59
C ALA A 309 9.87 -9.58 0.29
N GLN A 310 9.19 -8.58 0.85
CA GLN A 310 8.08 -8.75 1.82
C GLN A 310 6.92 -9.50 1.16
N LYS A 311 6.53 -9.09 -0.05
CA LYS A 311 5.40 -9.71 -0.80
C LYS A 311 5.73 -11.16 -1.14
N CYS A 312 6.99 -11.43 -1.52
CA CYS A 312 7.47 -12.79 -1.93
C CYS A 312 7.48 -13.71 -0.72
N MET A 313 8.05 -13.27 0.40
CA MET A 313 8.15 -14.07 1.65
C MET A 313 6.74 -14.40 2.16
N ILE A 314 5.79 -13.45 2.09
CA ILE A 314 4.38 -13.64 2.51
C ILE A 314 3.72 -14.69 1.59
N SER A 315 3.90 -14.55 0.28
CA SER A 315 3.39 -15.52 -0.74
C SER A 315 3.92 -16.91 -0.41
N LYS A 316 5.24 -17.05 -0.25
CA LYS A 316 5.93 -18.33 0.04
C LYS A 316 5.31 -18.97 1.28
N CYS A 317 5.05 -18.18 2.33
CA CYS A 317 4.41 -18.62 3.59
C CYS A 317 3.00 -19.14 3.30
N ASN A 318 2.22 -18.41 2.50
CA ASN A 318 0.82 -18.76 2.13
C ASN A 318 0.80 -20.16 1.50
N VAL A 319 1.76 -20.45 0.62
CA VAL A 319 1.88 -21.75 -0.10
C VAL A 319 2.28 -22.83 0.92
N ALA A 320 3.32 -22.57 1.71
CA ALA A 320 3.90 -23.48 2.73
C ALA A 320 2.89 -23.78 3.84
N GLY A 321 1.87 -22.93 4.01
CA GLY A 321 0.83 -23.07 5.06
C GLY A 321 1.39 -22.72 6.43
N LYS A 322 2.37 -21.81 6.48
CA LYS A 322 2.98 -21.28 7.73
C LYS A 322 2.46 -19.86 7.96
N PRO A 323 1.93 -19.55 9.17
CA PRO A 323 1.43 -18.21 9.45
C PRO A 323 2.57 -17.18 9.34
N VAL A 324 2.31 -16.06 8.66
CA VAL A 324 3.27 -14.94 8.47
C VAL A 324 2.69 -13.66 9.08
N VAL A 325 3.51 -12.95 9.86
CA VAL A 325 3.15 -11.69 10.56
C VAL A 325 3.82 -10.53 9.82
N THR A 326 3.04 -9.54 9.39
CA THR A 326 3.56 -8.20 9.00
C THR A 326 3.78 -7.41 10.29
N ALA A 327 5.04 -7.32 10.74
CA ALA A 327 5.46 -6.69 12.01
C ALA A 327 5.72 -5.20 11.81
N THR A 328 5.70 -4.73 10.56
CA THR A 328 5.76 -3.29 10.18
C THR A 328 4.86 -2.49 11.13
N GLN A 329 5.41 -1.42 11.71
CA GLN A 329 4.62 -0.36 12.41
C GLN A 329 3.95 0.48 11.33
N MET A 330 2.63 0.35 11.18
CA MET A 330 1.86 0.88 10.01
C MET A 330 0.93 2.03 10.44
N LEU A 331 0.72 2.25 11.73
CA LEU A 331 -0.11 3.36 12.28
C LEU A 331 0.73 4.25 13.19
N GLU A 332 1.92 4.65 12.74
CA GLU A 332 2.90 5.44 13.54
C GLU A 332 2.26 6.74 14.04
N SER A 333 1.47 7.41 13.18
CA SER A 333 0.81 8.71 13.47
C SER A 333 -0.07 8.60 14.72
N MET A 334 -0.56 7.39 15.02
CA MET A 334 -1.53 7.12 16.12
C MET A 334 -0.81 6.98 17.47
N ILE A 335 0.51 7.12 17.51
CA ILE A 335 1.29 7.22 18.79
C ILE A 335 0.93 8.53 19.49
N LYS A 336 0.66 9.60 18.71
CA LYS A 336 0.36 10.97 19.22
C LYS A 336 -1.07 11.40 18.88
N SER A 337 -1.64 10.89 17.78
CA SER A 337 -2.98 11.31 17.24
C SER A 337 -4.05 10.27 17.59
N ASN A 338 -5.30 10.72 17.63
CA ASN A 338 -6.52 9.93 17.91
C ASN A 338 -6.98 9.23 16.63
N ARG A 339 -6.57 9.77 15.46
CA ARG A 339 -6.92 9.26 14.11
C ARG A 339 -5.65 8.89 13.35
N PRO A 340 -5.72 7.90 12.42
CA PRO A 340 -4.62 7.62 11.50
C PRO A 340 -4.73 8.46 10.23
N THR A 341 -3.77 8.33 9.31
CA THR A 341 -3.82 8.94 7.96
C THR A 341 -4.45 7.92 7.00
N ARG A 342 -4.95 8.39 5.85
CA ARG A 342 -5.55 7.54 4.78
C ARG A 342 -4.46 6.63 4.19
N ALA A 343 -3.23 7.14 4.08
CA ALA A 343 -2.05 6.40 3.59
C ALA A 343 -1.81 5.17 4.48
N GLU A 344 -1.86 5.34 5.80
CA GLU A 344 -1.59 4.29 6.81
C GLU A 344 -2.62 3.16 6.69
N MET A 345 -3.88 3.50 6.40
CA MET A 345 -4.99 2.52 6.25
C MET A 345 -4.78 1.69 4.98
N THR A 346 -4.47 2.36 3.86
CA THR A 346 -4.13 1.72 2.55
C THR A 346 -2.93 0.78 2.75
N ASP A 347 -1.98 1.19 3.58
CA ASP A 347 -0.74 0.41 3.90
C ASP A 347 -1.14 -0.89 4.61
N VAL A 348 -2.03 -0.81 5.60
CA VAL A 348 -2.55 -1.98 6.37
C VAL A 348 -3.33 -2.90 5.42
N ALA A 349 -4.28 -2.34 4.66
CA ALA A 349 -5.13 -3.06 3.70
C ALA A 349 -4.26 -3.90 2.76
N ASN A 350 -3.19 -3.31 2.23
CA ASN A 350 -2.28 -3.97 1.24
C ASN A 350 -1.51 -5.10 1.95
N ALA A 351 -1.14 -4.91 3.23
CA ALA A 351 -0.48 -5.96 4.05
C ALA A 351 -1.40 -7.18 4.14
N VAL A 352 -2.71 -6.95 4.29
CA VAL A 352 -3.74 -8.02 4.40
C VAL A 352 -3.93 -8.69 3.04
N LEU A 353 -4.08 -7.89 1.97
CA LEU A 353 -4.28 -8.37 0.58
C LEU A 353 -3.04 -9.13 0.09
N ASP A 354 -1.85 -8.72 0.54
CA ASP A 354 -0.56 -9.40 0.24
C ASP A 354 -0.58 -10.83 0.79
N GLY A 355 -1.38 -11.08 1.83
CA GLY A 355 -1.67 -12.42 2.37
C GLY A 355 -1.23 -12.60 3.82
N SER A 356 -1.02 -11.50 4.55
CA SER A 356 -0.64 -11.52 5.99
C SER A 356 -1.67 -12.32 6.79
N ASP A 357 -1.21 -13.24 7.65
CA ASP A 357 -2.06 -13.95 8.64
C ASP A 357 -2.36 -13.03 9.82
N CYS A 358 -1.49 -12.05 10.05
CA CYS A 358 -1.31 -11.39 11.36
C CYS A 358 -0.65 -10.01 11.16
N VAL A 359 -1.11 -9.01 11.88
CA VAL A 359 -0.53 -7.63 11.91
C VAL A 359 -0.04 -7.35 13.33
N MET A 360 0.75 -6.29 13.52
CA MET A 360 1.39 -6.00 14.83
C MET A 360 1.36 -4.50 15.13
N LEU A 361 1.01 -4.15 16.36
CA LEU A 361 1.13 -2.78 16.93
C LEU A 361 2.33 -2.77 17.88
N SER A 362 3.21 -1.77 17.73
CA SER A 362 4.47 -1.60 18.49
C SER A 362 4.34 -0.40 19.41
N GLY A 363 4.82 0.78 18.98
CA GLY A 363 4.71 2.05 19.72
C GLY A 363 3.27 2.44 19.98
N GLU A 364 2.36 2.10 19.07
CA GLU A 364 0.93 2.51 19.12
C GLU A 364 0.28 1.99 20.40
N THR A 365 0.71 0.82 20.90
CA THR A 365 0.20 0.19 22.14
C THR A 365 1.23 0.33 23.28
N ALA A 366 2.53 0.18 22.99
CA ALA A 366 3.60 0.00 23.99
C ALA A 366 3.89 1.30 24.73
N ASN A 367 4.03 2.42 24.01
CA ASN A 367 4.21 3.77 24.62
C ASN A 367 3.56 4.83 23.71
N GLY A 368 2.23 4.79 23.61
CA GLY A 368 1.42 5.73 22.81
C GLY A 368 0.25 6.27 23.62
N ALA A 369 -0.45 7.27 23.09
CA ALA A 369 -1.51 8.04 23.77
C ALA A 369 -2.89 7.41 23.55
N PHE A 370 -3.02 6.50 22.57
CA PHE A 370 -4.32 5.92 22.12
C PHE A 370 -4.17 4.46 21.74
N PRO A 371 -3.81 3.56 22.70
CA PRO A 371 -3.68 2.12 22.40
C PRO A 371 -4.99 1.50 21.89
N PHE A 372 -6.12 1.78 22.56
CA PHE A 372 -7.45 1.21 22.26
C PHE A 372 -7.87 1.62 20.84
N ASP A 373 -7.70 2.90 20.52
CA ASP A 373 -8.08 3.48 19.20
C ASP A 373 -7.20 2.84 18.11
N ALA A 374 -5.90 2.65 18.38
CA ALA A 374 -4.92 2.05 17.46
C ALA A 374 -5.35 0.63 17.08
N VAL A 375 -5.68 -0.20 18.08
CA VAL A 375 -6.14 -1.62 17.88
C VAL A 375 -7.48 -1.60 17.14
N ASN A 376 -8.37 -0.67 17.51
CA ASN A 376 -9.73 -0.51 16.91
C ASN A 376 -9.57 -0.24 15.41
N VAL A 377 -8.77 0.76 15.04
CA VAL A 377 -8.49 1.15 13.63
C VAL A 377 -7.95 -0.06 12.87
N MET A 378 -6.90 -0.70 13.40
CA MET A 378 -6.22 -1.87 12.80
C MET A 378 -7.26 -2.95 12.46
N SER A 379 -8.19 -3.20 13.40
CA SER A 379 -9.27 -4.22 13.28
C SER A 379 -10.21 -3.86 12.13
N ARG A 380 -10.72 -2.63 12.10
CA ARG A 380 -11.75 -2.17 11.12
C ARG A 380 -11.15 -2.24 9.70
N VAL A 381 -9.93 -1.73 9.52
CA VAL A 381 -9.25 -1.70 8.18
C VAL A 381 -9.07 -3.13 7.70
N CYS A 382 -8.54 -4.00 8.56
CA CYS A 382 -8.30 -5.45 8.28
C CYS A 382 -9.61 -6.09 7.81
N ALA A 383 -10.71 -5.86 8.53
CA ALA A 383 -12.06 -6.39 8.20
C ALA A 383 -12.46 -5.98 6.79
N GLN A 384 -12.22 -4.71 6.42
CA GLN A 384 -12.59 -4.14 5.09
C GLN A 384 -11.72 -4.76 4.00
N ALA A 385 -10.39 -4.82 4.19
CA ALA A 385 -9.43 -5.35 3.21
C ALA A 385 -9.71 -6.83 2.91
N GLU A 386 -10.24 -7.56 3.89
CA GLU A 386 -10.55 -9.01 3.78
C GLU A 386 -11.71 -9.25 2.80
N THR A 387 -12.62 -8.27 2.65
CA THR A 387 -13.79 -8.37 1.74
C THR A 387 -13.33 -8.34 0.28
N CYS A 388 -12.15 -7.76 0.01
CA CYS A 388 -11.58 -7.57 -1.35
C CYS A 388 -10.79 -8.81 -1.80
N ILE A 389 -10.68 -9.83 -0.94
CA ILE A 389 -9.99 -11.11 -1.28
C ILE A 389 -10.91 -11.92 -2.20
N ASP A 390 -10.43 -12.28 -3.39
CA ASP A 390 -11.10 -13.25 -4.30
C ASP A 390 -10.75 -14.66 -3.81
N TYR A 391 -11.69 -15.29 -3.10
CA TYR A 391 -11.48 -16.52 -2.30
C TYR A 391 -11.34 -17.73 -3.22
N PRO A 392 -12.33 -18.04 -4.09
CA PRO A 392 -12.18 -19.06 -5.12
C PRO A 392 -10.77 -19.15 -5.76
N VAL A 393 -10.26 -18.03 -6.28
CA VAL A 393 -8.90 -17.93 -6.92
C VAL A 393 -7.85 -18.41 -5.92
N LEU A 394 -7.97 -18.00 -4.65
CA LEU A 394 -6.99 -18.25 -3.58
C LEU A 394 -7.00 -19.72 -3.17
N TYR A 395 -8.19 -20.32 -3.03
CA TYR A 395 -8.38 -21.74 -2.63
C TYR A 395 -7.77 -22.66 -3.69
N HIS A 396 -8.24 -22.55 -4.94
CA HIS A 396 -7.80 -23.37 -6.10
C HIS A 396 -6.28 -23.23 -6.30
N ALA A 397 -5.72 -22.06 -5.99
CA ALA A 397 -4.27 -21.78 -6.04
C ALA A 397 -3.53 -22.68 -5.04
N ILE A 398 -3.98 -22.70 -3.78
CA ILE A 398 -3.32 -23.43 -2.66
C ILE A 398 -3.63 -24.93 -2.78
N HIS A 399 -4.86 -25.29 -3.19
CA HIS A 399 -5.32 -26.70 -3.36
C HIS A 399 -4.44 -27.43 -4.39
N SER A 400 -4.06 -26.73 -5.45
CA SER A 400 -3.28 -27.29 -6.60
C SER A 400 -1.77 -27.26 -6.29
N SER A 401 -1.36 -26.69 -5.15
CA SER A 401 0.05 -26.63 -4.68
C SER A 401 0.40 -27.90 -3.90
N VAL A 402 -0.59 -28.55 -3.28
CA VAL A 402 -0.41 -29.77 -2.43
C VAL A 402 -0.51 -30.99 -3.34
N PRO A 403 0.45 -31.95 -3.26
CA PRO A 403 0.39 -33.17 -4.05
C PRO A 403 -0.53 -34.22 -3.43
N LYS A 404 -1.26 -34.97 -4.26
CA LYS A 404 -2.19 -36.06 -3.84
C LYS A 404 -1.47 -37.39 -3.98
N PRO A 405 -1.80 -38.43 -3.18
CA PRO A 405 -2.81 -38.34 -2.12
C PRO A 405 -2.34 -37.55 -0.89
N VAL A 406 -3.28 -37.16 -0.03
CA VAL A 406 -3.02 -36.33 1.19
C VAL A 406 -3.43 -37.14 2.43
N ALA A 407 -3.02 -36.67 3.60
CA ALA A 407 -3.43 -37.19 4.92
C ALA A 407 -4.90 -36.83 5.15
N VAL A 408 -5.62 -37.68 5.89
CA VAL A 408 -7.10 -37.55 6.10
C VAL A 408 -7.44 -36.14 6.59
N PRO A 409 -6.76 -35.60 7.63
CA PRO A 409 -7.10 -34.28 8.16
C PRO A 409 -7.13 -33.17 7.09
N GLU A 410 -6.17 -33.19 6.16
CA GLU A 410 -6.05 -32.17 5.09
C GLU A 410 -7.21 -32.31 4.10
N ALA A 411 -7.66 -33.54 3.85
CA ALA A 411 -8.84 -33.85 3.00
C ALA A 411 -10.11 -33.34 3.70
N ILE A 412 -10.24 -33.60 5.00
CA ILE A 412 -11.36 -33.09 5.85
C ILE A 412 -11.33 -31.56 5.82
N ALA A 413 -10.14 -30.96 5.96
CA ALA A 413 -9.93 -29.48 5.96
C ALA A 413 -10.48 -28.88 4.67
N CYS A 414 -10.15 -29.46 3.51
CA CYS A 414 -10.58 -28.99 2.17
C CYS A 414 -12.11 -29.08 2.05
N SER A 415 -12.68 -30.22 2.41
CA SER A 415 -14.15 -30.49 2.33
C SER A 415 -14.91 -29.49 3.21
N ALA A 416 -14.35 -29.18 4.39
CA ALA A 416 -14.88 -28.15 5.32
C ALA A 416 -14.98 -26.81 4.59
N VAL A 417 -13.89 -26.36 3.97
CA VAL A 417 -13.78 -25.03 3.28
C VAL A 417 -14.69 -25.04 2.04
N GLU A 418 -14.68 -26.15 1.28
CA GLU A 418 -15.54 -26.26 0.06
C GLU A 418 -17.01 -26.23 0.47
N SER A 419 -17.43 -27.18 1.31
CA SER A 419 -18.82 -27.28 1.80
C SER A 419 -19.30 -25.91 2.30
N ALA A 420 -18.47 -25.25 3.13
CA ALA A 420 -18.75 -23.93 3.74
C ALA A 420 -19.15 -22.93 2.64
N HIS A 421 -18.36 -22.85 1.57
CA HIS A 421 -18.59 -21.96 0.40
C HIS A 421 -19.85 -22.39 -0.34
N ASP A 422 -19.96 -23.67 -0.67
CA ASP A 422 -21.05 -24.27 -1.50
C ASP A 422 -22.43 -23.95 -0.89
N VAL A 423 -22.58 -24.01 0.44
CA VAL A 423 -23.89 -23.82 1.13
C VAL A 423 -23.92 -22.47 1.86
N ASN A 424 -22.87 -21.64 1.69
CA ASN A 424 -22.79 -20.27 2.24
C ASN A 424 -22.89 -20.32 3.77
N ALA A 425 -22.13 -21.21 4.40
CA ALA A 425 -21.99 -21.31 5.88
C ALA A 425 -21.29 -20.04 6.39
N LYS A 426 -21.54 -19.70 7.66
CA LYS A 426 -20.96 -18.50 8.33
C LYS A 426 -19.82 -18.93 9.27
N LEU A 427 -19.70 -20.22 9.56
CA LEU A 427 -18.76 -20.75 10.60
C LEU A 427 -18.19 -22.10 10.15
N ILE A 428 -16.92 -22.35 10.49
CA ILE A 428 -16.28 -23.70 10.44
C ILE A 428 -15.79 -24.03 11.85
N ILE A 429 -16.37 -25.06 12.47
CA ILE A 429 -16.02 -25.53 13.84
C ILE A 429 -15.15 -26.78 13.69
N THR A 430 -14.02 -26.84 14.40
CA THR A 430 -13.11 -28.01 14.49
C THR A 430 -12.89 -28.35 15.96
N ILE A 431 -13.21 -29.58 16.38
CA ILE A 431 -12.88 -30.15 17.72
C ILE A 431 -11.53 -30.86 17.59
N THR A 432 -10.53 -30.43 18.37
CA THR A 432 -9.11 -30.83 18.20
C THR A 432 -8.42 -30.91 19.56
N GLU A 433 -7.49 -31.86 19.71
CA GLU A 433 -6.60 -32.01 20.88
C GLU A 433 -5.23 -31.37 20.58
N THR A 434 -4.94 -31.08 19.31
CA THR A 434 -3.61 -30.64 18.81
C THR A 434 -3.69 -29.25 18.14
N GLY A 435 -4.78 -28.95 17.45
CA GLY A 435 -4.94 -27.74 16.62
C GLY A 435 -4.50 -27.98 15.18
N ASN A 436 -4.21 -29.24 14.83
CA ASN A 436 -3.68 -29.68 13.51
C ASN A 436 -4.67 -29.28 12.41
N THR A 437 -5.93 -29.66 12.55
CA THR A 437 -7.00 -29.47 11.52
C THR A 437 -7.31 -27.98 11.36
N ALA A 438 -7.27 -27.21 12.46
CA ALA A 438 -7.52 -25.75 12.48
C ALA A 438 -6.44 -25.04 11.64
N ARG A 439 -5.16 -25.40 11.86
CA ARG A 439 -4.00 -24.85 11.11
C ARG A 439 -4.16 -25.18 9.62
N LEU A 440 -4.62 -26.39 9.30
CA LEU A 440 -4.83 -26.86 7.92
C LEU A 440 -5.96 -26.06 7.27
N ILE A 441 -7.11 -25.94 7.95
CA ILE A 441 -8.28 -25.15 7.45
C ILE A 441 -7.80 -23.71 7.18
N SER A 442 -7.08 -23.12 8.13
CA SER A 442 -6.55 -21.73 8.07
C SER A 442 -5.71 -21.52 6.80
N LYS A 443 -4.98 -22.56 6.38
CA LYS A 443 -4.06 -22.55 5.21
C LYS A 443 -4.88 -22.38 3.92
N TYR A 444 -6.11 -22.90 3.87
CA TYR A 444 -7.02 -22.84 2.69
C TYR A 444 -7.81 -21.52 2.71
N ARG A 445 -7.61 -20.69 3.73
CA ARG A 445 -8.08 -19.28 3.82
C ARG A 445 -9.55 -19.18 3.47
N PRO A 446 -10.46 -19.79 4.26
CA PRO A 446 -11.89 -19.60 4.08
C PRO A 446 -12.37 -18.20 4.48
N SER A 447 -13.51 -17.78 3.93
CA SER A 447 -14.21 -16.52 4.27
C SER A 447 -14.82 -16.62 5.68
N GLN A 448 -15.14 -17.84 6.12
CA GLN A 448 -15.80 -18.10 7.43
C GLN A 448 -14.77 -18.05 8.56
N THR A 449 -15.16 -17.55 9.73
CA THR A 449 -14.37 -17.65 10.98
C THR A 449 -14.24 -19.15 11.33
N ILE A 450 -13.03 -19.59 11.68
CA ILE A 450 -12.75 -20.95 12.22
C ILE A 450 -12.83 -20.86 13.75
N ILE A 451 -13.59 -21.76 14.39
CA ILE A 451 -13.60 -21.93 15.88
C ILE A 451 -12.96 -23.28 16.22
N ALA A 452 -11.75 -23.25 16.78
CA ALA A 452 -11.01 -24.42 17.29
C ALA A 452 -11.46 -24.73 18.73
N CYS A 453 -12.31 -25.74 18.90
CA CYS A 453 -12.80 -26.22 20.21
C CYS A 453 -11.81 -27.24 20.77
N THR A 454 -11.28 -26.98 21.96
CA THR A 454 -10.18 -27.77 22.58
C THR A 454 -10.31 -27.73 24.11
N ALA A 455 -9.77 -28.75 24.78
CA ALA A 455 -9.68 -28.85 26.26
C ALA A 455 -8.34 -28.32 26.75
N LYS A 456 -7.35 -28.18 25.85
CA LYS A 456 -5.97 -27.73 26.17
C LYS A 456 -5.84 -26.25 25.85
N PRO A 457 -5.77 -25.36 26.87
CA PRO A 457 -5.54 -23.93 26.64
C PRO A 457 -4.33 -23.56 25.78
N GLU A 458 -3.20 -24.28 25.91
CA GLU A 458 -1.96 -23.96 25.15
C GLU A 458 -2.18 -24.25 23.65
N VAL A 459 -3.07 -25.19 23.33
CA VAL A 459 -3.49 -25.46 21.92
C VAL A 459 -4.28 -24.26 21.41
N ALA A 460 -5.17 -23.70 22.24
CA ALA A 460 -6.01 -22.52 21.91
C ALA A 460 -5.10 -21.31 21.67
N ARG A 461 -4.21 -21.00 22.61
CA ARG A 461 -3.28 -19.84 22.55
C ARG A 461 -2.37 -19.97 21.32
N GLY A 462 -1.86 -21.19 21.08
CA GLY A 462 -0.92 -21.49 19.98
C GLY A 462 -1.49 -21.19 18.60
N LEU A 463 -2.83 -21.13 18.48
CA LEU A 463 -3.56 -20.95 17.20
C LEU A 463 -3.79 -19.46 16.90
N LYS A 464 -3.38 -18.55 17.79
CA LYS A 464 -3.81 -17.13 17.76
C LYS A 464 -2.99 -16.29 16.77
N ILE A 465 -2.03 -16.88 16.05
CA ILE A 465 -1.33 -16.20 14.90
C ILE A 465 -1.92 -16.70 13.57
N ALA A 466 -2.67 -17.81 13.60
CA ALA A 466 -3.29 -18.42 12.40
C ALA A 466 -4.50 -17.59 11.97
N ARG A 467 -4.51 -17.12 10.72
CA ARG A 467 -5.60 -16.27 10.15
C ARG A 467 -6.96 -16.93 10.38
N GLY A 468 -7.86 -16.23 11.08
CA GLY A 468 -9.30 -16.55 11.13
C GLY A 468 -9.67 -17.54 12.23
N VAL A 469 -8.71 -17.94 13.07
CA VAL A 469 -8.94 -18.96 14.14
C VAL A 469 -9.30 -18.23 15.44
N LYS A 470 -10.59 -18.24 15.79
CA LYS A 470 -11.06 -18.06 17.20
C LYS A 470 -11.01 -19.43 17.86
N THR A 471 -11.01 -19.47 19.19
CA THR A 471 -10.84 -20.71 19.99
C THR A 471 -11.86 -20.71 21.12
N TYR A 472 -12.39 -21.88 21.48
CA TYR A 472 -13.28 -22.11 22.64
C TYR A 472 -12.64 -23.20 23.51
N VAL A 473 -12.20 -22.82 24.71
CA VAL A 473 -11.54 -23.74 25.69
C VAL A 473 -12.63 -24.36 26.57
N LEU A 474 -12.72 -25.69 26.56
CA LEU A 474 -13.68 -26.49 27.37
C LEU A 474 -12.92 -27.32 28.41
N ASN A 475 -13.65 -27.97 29.32
CA ASN A 475 -13.09 -28.90 30.34
C ASN A 475 -12.93 -30.29 29.72
N SER A 476 -13.84 -30.65 28.81
CA SER A 476 -13.85 -31.93 28.05
C SER A 476 -14.31 -31.67 26.61
N ILE A 477 -13.93 -32.55 25.68
CA ILE A 477 -14.37 -32.52 24.25
C ILE A 477 -14.92 -33.90 23.87
N HIS A 478 -15.38 -34.67 24.86
CA HIS A 478 -15.73 -36.12 24.74
C HIS A 478 -17.08 -36.28 24.04
N HIS A 479 -18.06 -35.42 24.36
CA HIS A 479 -19.40 -35.41 23.74
C HIS A 479 -19.45 -34.36 22.63
N SER A 480 -19.16 -34.79 21.39
CA SER A 480 -19.04 -33.94 20.17
C SER A 480 -20.31 -33.12 19.94
N GLU A 481 -21.47 -33.76 20.05
CA GLU A 481 -22.80 -33.11 19.88
C GLU A 481 -22.90 -31.89 20.81
N VAL A 482 -22.43 -31.99 22.05
CA VAL A 482 -22.55 -30.92 23.09
C VAL A 482 -21.54 -29.80 22.79
N VAL A 483 -20.32 -30.17 22.40
CA VAL A 483 -19.21 -29.21 22.07
C VAL A 483 -19.69 -28.30 20.93
N ILE A 484 -20.32 -28.87 19.90
CA ILE A 484 -20.82 -28.14 18.70
C ILE A 484 -22.01 -27.26 19.10
N SER A 485 -22.92 -27.77 19.94
CA SER A 485 -24.09 -27.03 20.49
C SER A 485 -23.60 -25.77 21.22
N ASN A 486 -22.67 -25.96 22.16
CA ASN A 486 -22.11 -24.89 23.04
C ASN A 486 -21.30 -23.89 22.19
N ALA A 487 -20.63 -24.37 21.14
CA ALA A 487 -19.79 -23.56 20.24
C ALA A 487 -20.69 -22.65 19.39
N LEU A 488 -21.78 -23.21 18.85
CA LEU A 488 -22.79 -22.46 18.05
C LEU A 488 -23.45 -21.40 18.94
N ALA A 489 -23.77 -21.76 20.18
CA ALA A 489 -24.37 -20.86 21.19
C ALA A 489 -23.41 -19.69 21.47
N LEU A 490 -22.14 -19.98 21.72
CA LEU A 490 -21.08 -18.98 22.04
C LEU A 490 -20.85 -18.08 20.81
N ALA A 491 -20.77 -18.69 19.63
CA ALA A 491 -20.59 -18.00 18.33
C ALA A 491 -21.77 -17.05 18.07
N LYS A 492 -22.97 -17.44 18.51
CA LYS A 492 -24.22 -16.64 18.42
C LYS A 492 -24.05 -15.39 19.28
N GLU A 493 -23.53 -15.55 20.50
CA GLU A 493 -23.34 -14.46 21.49
C GLU A 493 -22.13 -13.59 21.10
N GLU A 494 -21.30 -14.05 20.16
CA GLU A 494 -20.15 -13.28 19.61
C GLU A 494 -20.51 -12.69 18.24
N SER A 495 -21.77 -12.79 17.83
CA SER A 495 -22.32 -12.20 16.58
C SER A 495 -21.58 -12.74 15.34
N LEU A 496 -21.15 -14.01 15.38
CA LEU A 496 -20.44 -14.70 14.27
C LEU A 496 -21.46 -15.41 13.37
N ILE A 497 -22.60 -15.81 13.94
CA ILE A 497 -23.67 -16.60 13.26
C ILE A 497 -25.01 -16.27 13.90
N GLU A 498 -26.12 -16.49 13.18
CA GLU A 498 -27.51 -16.34 13.69
C GLU A 498 -28.26 -17.65 13.49
N SER A 499 -29.45 -17.79 14.10
CA SER A 499 -30.34 -18.96 13.95
C SER A 499 -30.63 -19.20 12.46
N GLY A 500 -30.64 -20.46 12.02
CA GLY A 500 -31.01 -20.87 10.64
C GLY A 500 -29.81 -20.86 9.70
N ASP A 501 -28.74 -20.14 10.04
CA ASP A 501 -27.46 -20.12 9.27
C ASP A 501 -26.80 -21.50 9.38
N PHE A 502 -26.13 -21.92 8.30
CA PHE A 502 -25.33 -23.18 8.25
C PHE A 502 -23.98 -22.96 8.93
N ALA A 503 -23.46 -24.02 9.53
CA ALA A 503 -22.08 -24.13 10.03
C ALA A 503 -21.52 -25.49 9.63
N ILE A 504 -20.23 -25.56 9.31
CA ILE A 504 -19.49 -26.84 9.11
C ILE A 504 -18.88 -27.21 10.47
N ALA A 505 -19.15 -28.43 10.94
CA ALA A 505 -18.50 -29.03 12.14
C ALA A 505 -17.58 -30.15 11.66
N VAL A 506 -16.39 -30.23 12.26
CA VAL A 506 -15.30 -31.19 11.88
C VAL A 506 -14.71 -31.75 13.17
N HIS A 507 -14.67 -33.08 13.31
CA HIS A 507 -14.04 -33.76 14.46
C HIS A 507 -13.71 -35.22 14.12
N GLY A 508 -12.90 -35.85 14.97
CA GLY A 508 -12.66 -37.31 14.94
C GLY A 508 -13.72 -38.05 15.73
N VAL A 509 -13.94 -39.33 15.41
CA VAL A 509 -14.66 -40.32 16.25
C VAL A 509 -13.65 -41.41 16.60
N LYS A 510 -13.59 -41.79 17.88
CA LYS A 510 -12.52 -42.69 18.42
C LYS A 510 -12.93 -44.15 18.24
N GLU A 511 -14.24 -44.47 18.35
CA GLU A 511 -14.77 -45.86 18.32
C GLU A 511 -16.10 -45.92 17.57
N SER A 512 -16.39 -47.06 16.94
CA SER A 512 -17.71 -47.48 16.38
C SER A 512 -18.17 -46.54 15.26
N CYS A 513 -17.24 -46.08 14.42
CA CYS A 513 -17.51 -45.11 13.33
C CYS A 513 -18.04 -45.77 12.06
N PRO A 514 -17.66 -47.01 11.64
CA PRO A 514 -16.84 -47.95 12.41
C PRO A 514 -15.34 -47.63 12.53
N GLY A 515 -14.70 -48.21 13.55
CA GLY A 515 -13.30 -47.93 13.95
C GLY A 515 -13.15 -46.49 14.42
N SER A 516 -11.95 -45.93 14.28
CA SER A 516 -11.69 -44.47 14.36
C SER A 516 -11.87 -43.86 12.96
N CYS A 517 -12.19 -42.58 12.89
CA CYS A 517 -12.42 -41.83 11.62
C CYS A 517 -12.35 -40.31 11.87
N ASN A 518 -12.36 -39.52 10.79
CA ASN A 518 -12.59 -38.06 10.83
C ASN A 518 -13.78 -37.75 9.93
N LEU A 519 -14.67 -36.87 10.36
CA LEU A 519 -15.92 -36.56 9.62
C LEU A 519 -16.14 -35.04 9.57
N MET A 520 -17.10 -34.64 8.74
CA MET A 520 -17.50 -33.24 8.47
C MET A 520 -19.03 -33.21 8.46
N LYS A 521 -19.65 -32.47 9.36
CA LYS A 521 -21.12 -32.29 9.44
C LYS A 521 -21.48 -30.90 8.90
N ILE A 522 -22.56 -30.82 8.12
CA ILE A 522 -23.22 -29.55 7.74
C ILE A 522 -24.44 -29.39 8.65
N VAL A 523 -24.29 -28.60 9.72
CA VAL A 523 -25.33 -28.39 10.77
C VAL A 523 -25.95 -27.00 10.60
N ARG A 524 -27.07 -26.76 11.28
CA ARG A 524 -27.83 -25.48 11.28
C ARG A 524 -27.80 -24.92 12.71
N CYS A 525 -27.47 -23.64 12.86
CA CYS A 525 -27.48 -22.93 14.16
C CYS A 525 -28.93 -22.79 14.64
N PRO A 526 -29.25 -23.25 15.87
CA PRO A 526 -30.60 -23.06 16.43
C PRO A 526 -30.82 -21.65 17.02
N GLY B 22 2.38 -15.71 -6.08
CA GLY B 22 3.25 -14.72 -6.77
C GLY B 22 4.52 -15.36 -7.29
N LYS B 23 4.70 -15.40 -8.62
CA LYS B 23 5.85 -16.03 -9.32
C LYS B 23 6.88 -14.94 -9.69
N ALA B 24 6.41 -13.88 -10.36
CA ALA B 24 7.22 -12.75 -10.84
C ALA B 24 7.82 -11.99 -9.65
N THR B 25 7.06 -11.85 -8.56
CA THR B 25 7.47 -11.13 -7.32
C THR B 25 8.65 -11.86 -6.66
N CYS B 26 8.66 -13.20 -6.72
CA CYS B 26 9.68 -14.07 -6.07
C CYS B 26 10.90 -14.27 -6.98
N LEU B 27 10.75 -14.12 -8.29
CA LEU B 27 11.88 -14.02 -9.24
C LEU B 27 12.61 -12.68 -9.00
N GLY B 28 11.86 -11.63 -8.64
CA GLY B 28 12.40 -10.33 -8.18
C GLY B 28 13.26 -10.49 -6.93
N MET B 29 12.79 -11.29 -5.96
CA MET B 29 13.49 -11.54 -4.66
C MET B 29 14.73 -12.41 -4.89
N ASP B 30 14.70 -13.32 -5.87
CA ASP B 30 15.84 -14.20 -6.23
C ASP B 30 16.98 -13.34 -6.82
N LYS B 31 16.65 -12.22 -7.47
CA LYS B 31 17.62 -11.25 -8.04
C LYS B 31 18.22 -10.37 -6.92
N ILE B 32 17.41 -10.02 -5.90
CA ILE B 32 17.83 -9.22 -4.72
C ILE B 32 18.94 -9.96 -3.95
N CYS B 33 19.00 -11.28 -4.08
CA CYS B 33 19.90 -12.20 -3.32
C CYS B 33 21.11 -12.66 -4.15
N SER B 34 21.42 -11.95 -5.26
CA SER B 34 22.51 -12.31 -6.21
C SER B 34 23.45 -11.12 -6.43
N PRO B 35 24.68 -11.35 -6.93
CA PRO B 35 25.59 -10.26 -7.24
C PRO B 35 25.13 -9.37 -8.43
N LEU B 36 24.54 -10.00 -9.44
CA LEU B 36 24.10 -9.38 -10.72
C LEU B 36 22.59 -9.12 -10.65
N ASN B 39 23.47 -7.83 -13.97
CA ASN B 39 23.82 -6.40 -14.22
C ASN B 39 22.86 -5.50 -13.45
N ASP B 40 21.56 -5.62 -13.76
CA ASP B 40 20.41 -4.82 -13.24
C ASP B 40 19.80 -4.05 -14.42
N VAL B 41 18.60 -4.44 -14.86
CA VAL B 41 17.92 -3.94 -16.10
C VAL B 41 16.43 -3.72 -15.81
N THR B 42 16.00 -2.45 -15.69
CA THR B 42 14.57 -2.05 -15.53
C THR B 42 14.33 -0.74 -16.28
N GLN B 43 13.30 -0.69 -17.13
CA GLN B 43 12.85 0.54 -17.84
C GLN B 43 11.38 0.81 -17.49
N ARG B 44 11.10 1.98 -16.91
CA ARG B 44 9.77 2.33 -16.36
C ARG B 44 8.77 2.51 -17.50
N LYS B 45 7.58 1.94 -17.36
CA LYS B 45 6.47 2.02 -18.36
C LYS B 45 5.35 2.91 -17.82
N THR B 46 5.09 2.90 -16.51
CA THR B 46 4.11 3.80 -15.83
C THR B 46 4.47 5.24 -16.21
N GLN B 47 3.50 5.99 -16.74
CA GLN B 47 3.67 7.42 -17.12
C GLN B 47 3.63 8.26 -15.85
N ILE B 48 4.27 9.43 -15.86
CA ILE B 48 4.36 10.37 -14.70
C ILE B 48 3.80 11.73 -15.11
N ILE B 49 2.80 12.23 -14.36
CA ILE B 49 2.29 13.62 -14.44
C ILE B 49 3.02 14.45 -13.38
N CYS B 50 3.60 15.58 -13.78
CA CYS B 50 4.20 16.60 -12.87
C CYS B 50 3.33 17.85 -12.87
N THR B 51 2.82 18.24 -11.71
CA THR B 51 2.11 19.53 -11.49
C THR B 51 3.15 20.64 -11.52
N ILE B 52 3.02 21.58 -12.46
CA ILE B 52 3.97 22.70 -12.68
C ILE B 52 3.52 23.88 -11.80
N GLY B 53 4.46 24.45 -11.04
CA GLY B 53 4.24 25.60 -10.15
C GLY B 53 5.52 26.37 -9.89
N PRO B 54 5.54 27.31 -8.90
CA PRO B 54 6.73 28.11 -8.58
C PRO B 54 8.06 27.34 -8.47
N SER B 55 8.05 26.13 -7.89
CA SER B 55 9.25 25.31 -7.60
C SER B 55 9.92 24.78 -8.87
N CYS B 56 9.19 24.72 -9.99
CA CYS B 56 9.68 24.16 -11.28
C CYS B 56 9.06 24.89 -12.47
N ASN B 57 8.92 26.21 -12.37
CA ASN B 57 8.17 27.07 -13.32
C ASN B 57 9.05 27.46 -14.50
N ASN B 58 10.37 27.60 -14.28
CA ASN B 58 11.34 28.11 -15.28
C ASN B 58 11.73 26.99 -16.25
N VAL B 59 12.35 27.36 -17.37
CA VAL B 59 12.70 26.46 -18.51
C VAL B 59 13.74 25.42 -18.05
N GLU B 60 14.66 25.81 -17.15
CA GLU B 60 15.79 24.96 -16.70
C GLU B 60 15.25 23.83 -15.80
N SER B 61 14.27 24.13 -14.95
CA SER B 61 13.62 23.15 -14.03
C SER B 61 12.81 22.13 -14.84
N LEU B 62 12.03 22.61 -15.82
CA LEU B 62 11.13 21.77 -16.66
C LEU B 62 11.96 20.77 -17.47
N ILE B 63 13.12 21.18 -17.99
CA ILE B 63 14.11 20.28 -18.64
C ILE B 63 14.57 19.24 -17.60
N GLY B 64 14.81 19.69 -16.36
CA GLY B 64 15.15 18.82 -15.22
C GLY B 64 14.11 17.73 -15.01
N LEU B 65 12.82 18.10 -15.04
CA LEU B 65 11.68 17.16 -14.84
C LEU B 65 11.61 16.17 -16.01
N ILE B 66 11.82 16.63 -17.26
CA ILE B 66 11.79 15.78 -18.47
C ILE B 66 12.83 14.67 -18.33
N ASP B 67 14.05 15.02 -17.89
CA ASP B 67 15.20 14.09 -17.78
C ASP B 67 14.93 13.04 -16.69
N LYS B 68 14.23 13.41 -15.61
CA LYS B 68 13.92 12.49 -14.48
C LYS B 68 12.69 11.63 -14.81
N GLY B 69 11.88 12.03 -15.80
CA GLY B 69 10.89 11.15 -16.45
C GLY B 69 9.48 11.71 -16.52
N MET B 70 9.31 13.04 -16.69
CA MET B 70 7.97 13.68 -16.83
C MET B 70 7.36 13.26 -18.17
N SER B 71 6.17 12.66 -18.13
CA SER B 71 5.35 12.28 -19.31
C SER B 71 4.42 13.44 -19.68
N VAL B 72 3.82 14.08 -18.68
CA VAL B 72 2.75 15.11 -18.86
C VAL B 72 2.98 16.25 -17.85
N ALA B 73 2.77 17.49 -18.30
CA ALA B 73 2.81 18.73 -17.47
C ALA B 73 1.37 19.12 -17.13
N ARG B 74 1.05 19.25 -15.84
CA ARG B 74 -0.30 19.59 -15.32
C ARG B 74 -0.33 21.07 -14.90
N LEU B 75 -1.27 21.83 -15.48
CA LEU B 75 -1.62 23.20 -15.04
C LEU B 75 -2.93 23.12 -14.25
N ASN B 76 -2.84 23.23 -12.92
CA ASN B 76 -4.00 23.29 -12.00
C ASN B 76 -4.55 24.72 -12.04
N PHE B 77 -5.68 24.93 -12.74
CA PHE B 77 -6.30 26.26 -12.96
C PHE B 77 -7.13 26.68 -11.74
N SER B 78 -7.04 25.94 -10.62
CA SER B 78 -7.46 26.39 -9.27
C SER B 78 -6.44 27.41 -8.75
N HIS B 79 -5.23 27.41 -9.32
CA HIS B 79 -4.10 28.28 -8.93
C HIS B 79 -3.61 29.06 -10.16
N GLY B 80 -2.73 30.04 -9.93
CA GLY B 80 -2.16 30.91 -10.98
C GLY B 80 -3.19 31.93 -11.47
N ASP B 81 -2.76 32.83 -12.35
CA ASP B 81 -3.60 33.87 -12.99
C ASP B 81 -3.37 33.81 -14.51
N HIS B 82 -4.11 34.61 -15.27
CA HIS B 82 -4.08 34.66 -16.76
C HIS B 82 -2.64 34.74 -17.26
N GLU B 83 -1.82 35.57 -16.61
CA GLU B 83 -0.42 35.89 -17.03
C GLU B 83 0.49 34.66 -16.79
N SER B 84 0.49 34.10 -15.58
CA SER B 84 1.40 33.01 -15.15
C SER B 84 1.07 31.72 -15.91
N HIS B 85 -0.21 31.48 -16.23
CA HIS B 85 -0.68 30.31 -17.03
C HIS B 85 -0.02 30.34 -18.40
N PHE B 86 -0.04 31.49 -19.08
CA PHE B 86 0.52 31.68 -20.44
C PHE B 86 2.05 31.56 -20.40
N LYS B 87 2.68 32.24 -19.43
CA LYS B 87 4.15 32.24 -19.20
C LYS B 87 4.63 30.78 -19.02
N THR B 88 3.97 30.02 -18.14
CA THR B 88 4.30 28.61 -17.83
C THR B 88 4.16 27.75 -19.09
N LEU B 89 3.12 27.97 -19.91
CA LEU B 89 2.88 27.21 -21.16
C LEU B 89 4.08 27.41 -22.10
N GLN B 90 4.54 28.66 -22.27
CA GLN B 90 5.71 29.02 -23.11
C GLN B 90 6.97 28.29 -22.60
N ASN B 91 7.15 28.23 -21.27
CA ASN B 91 8.33 27.62 -20.60
C ASN B 91 8.36 26.10 -20.85
N ILE B 92 7.20 25.43 -20.68
CA ILE B 92 7.06 23.97 -20.93
C ILE B 92 7.45 23.67 -22.38
N ARG B 93 6.96 24.47 -23.33
CA ARG B 93 7.15 24.25 -24.79
C ARG B 93 8.58 24.61 -25.21
N GLU B 94 9.22 25.55 -24.51
CA GLU B 94 10.65 25.89 -24.72
C GLU B 94 11.50 24.72 -24.20
N ALA B 95 11.17 24.19 -23.01
CA ALA B 95 11.81 23.00 -22.40
C ALA B 95 11.63 21.79 -23.33
N ALA B 96 10.47 21.67 -23.96
CA ALA B 96 10.12 20.57 -24.90
C ALA B 96 11.06 20.60 -26.11
N LYS B 97 11.34 21.79 -26.66
CA LYS B 97 12.22 22.00 -27.85
C LYS B 97 13.66 21.60 -27.51
N ALA B 98 14.06 21.72 -26.24
CA ALA B 98 15.43 21.43 -25.73
C ALA B 98 15.62 19.92 -25.50
N ARG B 99 14.57 19.11 -25.69
CA ARG B 99 14.63 17.62 -25.59
C ARG B 99 13.76 17.01 -26.68
N PRO B 100 14.20 17.00 -27.95
CA PRO B 100 13.38 16.51 -29.06
C PRO B 100 13.00 15.03 -29.02
N HIS B 101 13.72 14.19 -28.26
CA HIS B 101 13.52 12.73 -28.19
C HIS B 101 12.50 12.36 -27.10
N SER B 102 12.16 13.31 -26.23
CA SER B 102 11.09 13.17 -25.18
C SER B 102 9.87 14.00 -25.59
N THR B 103 8.68 13.37 -25.60
CA THR B 103 7.38 14.02 -25.89
C THR B 103 6.66 14.29 -24.57
N VAL B 104 6.24 15.54 -24.36
CA VAL B 104 5.62 16.04 -23.09
C VAL B 104 4.18 16.46 -23.39
N GLY B 105 3.21 15.75 -22.80
CA GLY B 105 1.79 16.11 -22.85
C GLY B 105 1.51 17.26 -21.90
N ILE B 106 0.53 18.10 -22.24
CA ILE B 106 0.12 19.28 -21.41
C ILE B 106 -1.36 19.14 -21.06
N MET B 107 -1.65 19.15 -19.76
CA MET B 107 -2.98 18.88 -19.16
C MET B 107 -3.48 20.16 -18.47
N LEU B 108 -4.69 20.60 -18.80
CA LEU B 108 -5.43 21.65 -18.06
C LEU B 108 -6.37 20.97 -17.06
N ASP B 109 -6.12 21.16 -15.76
CA ASP B 109 -6.95 20.64 -14.66
C ASP B 109 -7.92 21.76 -14.24
N THR B 110 -9.22 21.58 -14.51
CA THR B 110 -10.28 22.61 -14.34
C THR B 110 -10.49 22.93 -12.86
N LYS B 111 -10.84 24.18 -12.54
CA LYS B 111 -11.21 24.62 -11.17
C LYS B 111 -12.48 23.87 -10.76
N GLY B 112 -13.52 23.96 -11.59
CA GLY B 112 -14.80 23.26 -11.39
C GLY B 112 -15.52 23.77 -10.15
N PRO B 113 -16.49 22.98 -9.60
CA PRO B 113 -17.29 23.42 -8.47
C PRO B 113 -16.60 23.27 -7.10
N GLU B 114 -15.30 23.56 -7.03
CA GLU B 114 -14.49 23.49 -5.78
C GLU B 114 -14.94 24.63 -4.86
N ILE B 115 -14.67 24.48 -3.56
CA ILE B 115 -14.91 25.51 -2.51
C ILE B 115 -13.58 25.78 -1.81
N ARG B 116 -13.22 27.06 -1.63
CA ARG B 116 -11.92 27.51 -1.10
C ARG B 116 -12.14 28.35 0.17
N THR B 117 -11.24 28.23 1.14
CA THR B 117 -11.12 29.17 2.28
C THR B 117 -10.62 30.51 1.71
N GLY B 118 -10.93 31.62 2.38
CA GLY B 118 -10.42 32.95 2.00
C GLY B 118 -9.02 33.15 2.53
N MET B 119 -8.44 34.34 2.33
CA MET B 119 -7.08 34.65 2.80
C MET B 119 -7.13 35.05 4.28
N LEU B 120 -5.97 34.95 4.95
CA LEU B 120 -5.78 35.21 6.39
C LEU B 120 -5.17 36.62 6.56
N GLU B 121 -4.99 37.07 7.81
CA GLU B 121 -4.52 38.43 8.16
C GLU B 121 -3.05 38.59 7.73
N GLY B 122 -2.17 37.71 8.21
CA GLY B 122 -0.75 37.65 7.82
C GLY B 122 -0.37 36.28 7.32
N GLY B 123 -0.07 35.36 8.25
CA GLY B 123 0.34 33.97 7.97
C GLY B 123 -0.66 32.96 8.49
N LYS B 124 -0.17 31.78 8.88
CA LYS B 124 -0.96 30.54 9.14
C LYS B 124 -1.51 30.56 10.55
N PRO B 125 -2.81 30.25 10.78
CA PRO B 125 -3.40 30.27 12.11
C PRO B 125 -3.11 28.96 12.89
N LEU B 128 -5.23 26.43 14.97
CA LEU B 128 -6.59 26.02 15.44
C LEU B 128 -6.46 24.80 16.35
N LYS B 129 -7.11 24.82 17.52
CA LYS B 129 -6.95 23.81 18.59
C LYS B 129 -8.22 22.97 18.74
N ALA B 130 -8.06 21.66 18.84
CA ALA B 130 -9.13 20.65 18.97
C ALA B 130 -10.06 21.04 20.13
N GLY B 131 -11.37 21.10 19.88
CA GLY B 131 -12.41 21.43 20.87
C GLY B 131 -12.96 22.83 20.69
N GLN B 132 -12.15 23.76 20.15
CA GLN B 132 -12.52 25.18 19.92
C GLN B 132 -13.68 25.26 18.93
N THR B 133 -14.36 26.41 18.90
CA THR B 133 -15.34 26.79 17.84
C THR B 133 -14.60 27.65 16.80
N LEU B 134 -15.01 27.52 15.53
CA LEU B 134 -14.47 28.32 14.39
C LEU B 134 -15.64 28.82 13.55
N LYS B 135 -15.76 30.14 13.38
CA LYS B 135 -16.79 30.79 12.53
C LYS B 135 -16.29 30.79 11.08
N ILE B 136 -17.21 30.60 10.13
CA ILE B 136 -16.93 30.63 8.67
C ILE B 136 -17.97 31.54 8.01
N THR B 137 -17.53 32.68 7.46
CA THR B 137 -18.37 33.69 6.79
C THR B 137 -18.31 33.50 5.26
N THR B 138 -19.36 33.92 4.55
CA THR B 138 -19.46 33.85 3.07
C THR B 138 -19.10 35.21 2.46
N ASP B 139 -18.52 36.12 3.27
CA ASP B 139 -17.85 37.37 2.80
C ASP B 139 -16.37 37.04 2.56
N TYR B 140 -16.02 36.73 1.31
CA TYR B 140 -14.67 36.26 0.89
C TYR B 140 -13.64 37.38 1.09
N SER B 141 -14.06 38.64 0.87
CA SER B 141 -13.24 39.86 1.06
C SER B 141 -13.15 40.20 2.56
N MET B 142 -12.71 39.22 3.37
CA MET B 142 -12.54 39.35 4.84
C MET B 142 -11.27 38.62 5.25
N LEU B 143 -10.34 39.32 5.91
CA LEU B 143 -9.03 38.77 6.36
C LEU B 143 -9.27 37.94 7.62
N GLY B 144 -9.16 36.62 7.51
CA GLY B 144 -9.55 35.64 8.56
C GLY B 144 -8.46 35.43 9.60
N ASN B 145 -8.86 34.96 10.79
CA ASN B 145 -7.97 34.69 11.97
C ASN B 145 -8.26 33.28 12.48
N SER B 146 -7.81 32.93 13.69
CA SER B 146 -7.95 31.59 14.32
C SER B 146 -9.31 31.45 15.04
N GLU B 147 -10.24 32.38 14.84
CA GLU B 147 -11.64 32.31 15.34
C GLU B 147 -12.64 32.36 14.16
N CYS B 148 -12.38 33.22 13.18
CA CYS B 148 -13.23 33.42 11.97
C CYS B 148 -12.38 33.34 10.70
N ILE B 149 -12.78 32.48 9.75
CA ILE B 149 -12.16 32.35 8.40
C ILE B 149 -13.25 32.57 7.34
N SER B 150 -12.83 32.68 6.08
CA SER B 150 -13.70 33.03 4.92
C SER B 150 -14.03 31.76 4.11
N CYS B 151 -15.03 31.86 3.24
CA CYS B 151 -15.50 30.76 2.35
C CYS B 151 -15.98 31.33 1.02
N SER B 152 -15.57 30.70 -0.10
CA SER B 152 -15.83 31.16 -1.49
C SER B 152 -17.27 30.85 -1.91
N TYR B 153 -17.96 29.98 -1.18
CA TYR B 153 -19.33 29.48 -1.48
C TYR B 153 -20.36 30.24 -0.63
N SER B 154 -21.16 31.11 -1.27
CA SER B 154 -22.09 32.05 -0.60
C SER B 154 -23.33 31.32 -0.06
N LEU B 155 -23.64 30.14 -0.63
CA LEU B 155 -24.83 29.30 -0.24
C LEU B 155 -24.40 28.23 0.77
N LEU B 156 -23.39 28.52 1.61
CA LEU B 156 -22.80 27.56 2.58
C LEU B 156 -23.78 27.25 3.71
N PRO B 157 -24.41 28.26 4.35
CA PRO B 157 -25.39 28.00 5.41
C PRO B 157 -26.64 27.22 4.95
N LYS B 158 -27.05 27.38 3.69
CA LYS B 158 -28.30 26.81 3.11
C LYS B 158 -28.03 25.45 2.45
N SER B 159 -26.84 24.87 2.66
CA SER B 159 -26.42 23.56 2.08
C SER B 159 -25.71 22.70 3.14
N VAL B 160 -26.11 22.85 4.41
CA VAL B 160 -25.48 22.20 5.60
C VAL B 160 -26.54 22.07 6.70
N GLN B 161 -26.55 20.95 7.44
CA GLN B 161 -27.36 20.75 8.67
C GLN B 161 -26.42 20.79 9.89
N ILE B 162 -26.97 20.74 11.10
CA ILE B 162 -26.17 20.74 12.37
C ILE B 162 -25.59 19.32 12.54
N GLY B 163 -24.30 19.23 12.91
CA GLY B 163 -23.57 17.96 13.06
C GLY B 163 -22.86 17.52 11.79
N SER B 164 -23.14 18.20 10.66
CA SER B 164 -22.43 18.02 9.35
C SER B 164 -20.93 18.20 9.55
N THR B 165 -20.13 17.33 8.93
CA THR B 165 -18.64 17.39 8.95
C THR B 165 -18.18 18.26 7.77
N VAL B 166 -17.31 19.24 8.02
CA VAL B 166 -16.72 20.16 7.00
C VAL B 166 -15.21 19.98 7.02
N LEU B 167 -14.64 19.36 5.98
CA LEU B 167 -13.19 19.04 5.87
C LEU B 167 -12.48 20.17 5.12
N ILE B 168 -11.28 20.55 5.60
CA ILE B 168 -10.46 21.67 5.04
C ILE B 168 -9.05 21.15 4.75
N ALA B 169 -8.41 21.67 3.70
CA ALA B 169 -7.00 21.39 3.30
C ALA B 169 -6.81 19.89 3.05
N ASP B 170 -7.28 19.39 1.89
CA ASP B 170 -7.26 17.97 1.46
C ASP B 170 -7.74 17.06 2.60
N GLY B 171 -8.71 17.54 3.40
CA GLY B 171 -9.32 16.82 4.53
C GLY B 171 -8.33 16.54 5.66
N SER B 172 -7.47 17.51 6.00
CA SER B 172 -6.51 17.44 7.13
C SER B 172 -7.15 18.01 8.39
N LEU B 173 -7.89 19.12 8.26
CA LEU B 173 -8.68 19.76 9.36
C LEU B 173 -10.13 19.28 9.28
N SER B 174 -10.56 18.51 10.28
CA SER B 174 -11.96 18.03 10.48
C SER B 174 -12.69 19.00 11.42
N THR B 175 -13.93 19.37 11.08
CA THR B 175 -14.82 20.21 11.93
C THR B 175 -16.27 19.70 11.87
N GLN B 176 -17.05 19.96 12.93
CA GLN B 176 -18.50 19.68 13.02
C GLN B 176 -19.26 21.00 13.20
N VAL B 177 -20.33 21.21 12.45
CA VAL B 177 -21.12 22.48 12.44
C VAL B 177 -22.04 22.52 13.68
N LEU B 178 -21.89 23.55 14.51
CA LEU B 178 -22.67 23.77 15.76
C LEU B 178 -23.89 24.65 15.45
N GLU B 179 -23.69 25.75 14.71
CA GLU B 179 -24.70 26.81 14.46
C GLU B 179 -24.73 27.14 12.96
N ILE B 180 -25.92 27.50 12.46
CA ILE B 180 -26.18 27.95 11.07
C ILE B 180 -26.88 29.31 11.12
N GLY B 181 -26.20 30.37 10.63
CA GLY B 181 -26.72 31.75 10.59
C GLY B 181 -27.36 32.08 9.27
N ASP B 182 -27.56 33.37 8.99
CA ASP B 182 -28.09 33.90 7.71
C ASP B 182 -27.01 33.77 6.63
N ASP B 183 -25.80 34.25 6.92
CA ASP B 183 -24.67 34.35 5.95
C ASP B 183 -23.38 33.83 6.61
N PHE B 184 -23.48 32.82 7.48
CA PHE B 184 -22.33 32.24 8.22
C PHE B 184 -22.70 30.84 8.77
N ILE B 185 -21.69 30.13 9.26
CA ILE B 185 -21.83 28.92 10.12
C ILE B 185 -20.75 29.00 11.21
N VAL B 186 -20.95 28.28 12.32
CA VAL B 186 -19.93 28.08 13.38
C VAL B 186 -19.67 26.57 13.50
N CYS B 187 -18.40 26.19 13.64
CA CYS B 187 -17.90 24.80 13.54
C CYS B 187 -17.04 24.45 14.76
N LYS B 188 -17.28 23.29 15.38
CA LYS B 188 -16.40 22.72 16.44
C LYS B 188 -15.22 22.02 15.77
N VAL B 189 -14.00 22.54 15.98
CA VAL B 189 -12.72 21.97 15.46
C VAL B 189 -12.48 20.64 16.17
N LEU B 190 -12.05 19.60 15.43
CA LEU B 190 -11.81 18.23 15.95
C LEU B 190 -10.32 17.87 15.91
N ASN B 191 -9.46 18.80 15.47
CA ASN B 191 -8.00 18.59 15.26
C ASN B 191 -7.20 19.83 15.70
N SER B 192 -6.06 19.62 16.36
CA SER B 192 -4.99 20.64 16.55
C SER B 192 -4.15 20.71 15.28
N VAL B 193 -4.22 21.82 14.53
CA VAL B 193 -3.48 22.03 13.25
C VAL B 193 -3.34 23.54 12.98
N THR B 194 -2.26 23.96 12.31
CA THR B 194 -1.83 25.38 12.16
C THR B 194 -1.65 25.73 10.67
N ILE B 195 -2.51 25.24 9.78
CA ILE B 195 -2.41 25.38 8.30
C ILE B 195 -3.61 26.20 7.76
N GLY B 196 -3.37 27.06 6.76
CA GLY B 196 -4.41 27.92 6.15
C GLY B 196 -3.97 28.59 4.84
N GLU B 197 -4.87 29.37 4.25
CA GLU B 197 -4.65 30.31 3.10
C GLU B 197 -5.11 29.63 1.79
N ARG B 198 -6.28 30.04 1.28
CA ARG B 198 -6.95 29.53 0.05
C ARG B 198 -6.77 28.01 -0.10
N LYS B 199 -7.08 27.26 0.96
CA LYS B 199 -7.13 25.77 0.95
C LYS B 199 -8.55 25.33 0.57
N ASN B 200 -8.71 24.08 0.12
CA ASN B 200 -10.01 23.55 -0.38
C ASN B 200 -10.87 23.11 0.82
N MET B 201 -12.19 23.25 0.69
CA MET B 201 -13.21 22.81 1.68
C MET B 201 -14.10 21.75 1.01
N ASN B 202 -14.43 20.68 1.73
CA ASN B 202 -15.37 19.61 1.26
C ASN B 202 -16.56 19.56 2.20
N LEU B 203 -17.77 19.38 1.63
CA LEU B 203 -19.06 19.27 2.37
C LEU B 203 -19.69 17.92 2.04
N PRO B 204 -19.26 16.82 2.70
CA PRO B 204 -19.73 15.48 2.37
C PRO B 204 -21.26 15.31 2.48
N GLY B 205 -21.85 14.58 1.52
CA GLY B 205 -23.29 14.26 1.48
C GLY B 205 -24.14 15.40 0.93
N CYS B 206 -23.62 16.63 0.98
CA CYS B 206 -24.38 17.89 0.70
C CYS B 206 -24.46 18.15 -0.80
N VAL B 208 -23.76 21.30 -2.36
CA VAL B 208 -22.97 22.20 -3.26
C VAL B 208 -23.78 22.43 -4.55
N HIS B 209 -24.38 23.62 -4.67
CA HIS B 209 -25.18 24.08 -5.85
C HIS B 209 -24.28 24.83 -6.84
N LEU B 210 -23.22 24.16 -7.30
CA LEU B 210 -22.30 24.68 -8.35
C LEU B 210 -22.28 23.73 -9.55
N PRO B 211 -22.19 24.27 -10.78
CA PRO B 211 -22.10 23.45 -11.98
C PRO B 211 -20.71 22.81 -12.11
N ILE B 212 -20.67 21.61 -12.70
CA ILE B 212 -19.43 20.82 -12.96
C ILE B 212 -18.54 21.64 -13.91
N ILE B 213 -19.12 22.14 -15.00
CA ILE B 213 -18.47 23.05 -15.99
C ILE B 213 -19.16 24.41 -15.93
N GLY B 214 -18.59 25.36 -15.18
CA GLY B 214 -19.11 26.73 -15.01
C GLY B 214 -18.64 27.65 -16.11
N ASP B 215 -18.84 28.96 -15.94
CA ASP B 215 -18.44 30.00 -16.92
C ASP B 215 -16.92 30.00 -17.06
N LYS B 216 -16.19 30.02 -15.94
CA LYS B 216 -14.70 30.05 -15.92
C LYS B 216 -14.14 28.80 -16.62
N ASP B 217 -14.76 27.64 -16.40
CA ASP B 217 -14.29 26.32 -16.88
C ASP B 217 -14.52 26.22 -18.39
N ARG B 218 -15.69 26.64 -18.88
CA ARG B 218 -16.01 26.71 -20.33
C ARG B 218 -15.05 27.69 -21.00
N HIS B 219 -14.68 28.77 -20.30
CA HIS B 219 -13.73 29.82 -20.78
C HIS B 219 -12.31 29.23 -20.82
N ASP B 220 -11.88 28.58 -19.74
CA ASP B 220 -10.53 27.97 -19.61
C ASP B 220 -10.34 26.88 -20.66
N ILE B 221 -11.40 26.11 -20.96
CA ILE B 221 -11.35 25.01 -21.97
C ILE B 221 -11.19 25.63 -23.36
N VAL B 222 -12.06 26.59 -23.72
CA VAL B 222 -12.12 27.18 -25.09
C VAL B 222 -10.92 28.11 -25.31
N ASP B 223 -10.67 29.04 -24.38
CA ASP B 223 -9.73 30.17 -24.60
C ASP B 223 -8.35 29.89 -23.98
N PHE B 224 -8.08 28.65 -23.56
CA PHE B 224 -6.71 28.19 -23.18
C PHE B 224 -6.44 26.79 -23.75
N ALA B 225 -7.16 25.76 -23.28
CA ALA B 225 -6.93 24.35 -23.67
C ALA B 225 -7.06 24.21 -25.19
N LEU B 226 -8.16 24.67 -25.78
CA LEU B 226 -8.39 24.61 -27.25
C LEU B 226 -7.55 25.68 -27.96
N LYS B 227 -7.54 26.91 -27.42
CA LYS B 227 -6.85 28.09 -28.03
C LYS B 227 -5.37 27.77 -28.26
N TYR B 228 -4.68 27.22 -27.27
CA TYR B 228 -3.22 26.93 -27.32
C TYR B 228 -2.96 25.43 -27.57
N ASN B 229 -3.98 24.68 -28.01
CA ASN B 229 -3.85 23.31 -28.55
C ASN B 229 -3.21 22.38 -27.51
N LEU B 230 -3.79 22.31 -26.31
CA LEU B 230 -3.33 21.41 -25.22
C LEU B 230 -3.80 19.98 -25.53
N ASP B 231 -3.38 19.00 -24.72
CA ASP B 231 -3.51 17.55 -25.02
C ASP B 231 -4.55 16.89 -24.11
N PHE B 232 -4.68 17.35 -22.86
CA PHE B 232 -5.59 16.75 -21.84
C PHE B 232 -6.38 17.86 -21.11
N ILE B 233 -7.69 17.66 -20.97
CA ILE B 233 -8.55 18.38 -19.99
C ILE B 233 -8.83 17.40 -18.85
N ALA B 234 -8.30 17.67 -17.66
CA ALA B 234 -8.57 16.91 -16.42
C ALA B 234 -9.83 17.49 -15.77
N LEU B 235 -11.00 16.91 -16.11
CA LEU B 235 -12.34 17.47 -15.77
C LEU B 235 -12.66 17.17 -14.30
N SER B 236 -12.63 18.19 -13.44
CA SER B 236 -12.78 18.07 -11.97
C SER B 236 -14.25 17.76 -11.62
N PHE B 237 -14.45 16.91 -10.61
CA PHE B 237 -15.75 16.56 -9.98
C PHE B 237 -16.76 16.06 -11.01
N VAL B 238 -16.36 15.15 -11.91
CA VAL B 238 -17.30 14.51 -12.88
C VAL B 238 -18.23 13.57 -12.10
N GLN B 239 -19.53 13.63 -12.37
CA GLN B 239 -20.58 12.95 -11.57
C GLN B 239 -21.43 11.99 -12.42
N ASN B 240 -21.37 12.05 -13.76
CA ASN B 240 -22.09 11.12 -14.66
C ASN B 240 -21.64 11.35 -16.12
N GLY B 241 -22.07 10.48 -17.04
CA GLY B 241 -21.75 10.53 -18.47
C GLY B 241 -22.08 11.88 -19.09
N ALA B 242 -23.20 12.49 -18.66
CA ALA B 242 -23.74 13.77 -19.19
C ALA B 242 -22.72 14.91 -19.00
N ASP B 243 -21.99 14.92 -17.88
CA ASP B 243 -20.91 15.91 -17.59
C ASP B 243 -19.83 15.82 -18.67
N VAL B 244 -19.46 14.60 -19.10
CA VAL B 244 -18.41 14.35 -20.13
C VAL B 244 -18.98 14.72 -21.51
N GLN B 245 -20.24 14.37 -21.78
CA GLN B 245 -20.95 14.70 -23.04
C GLN B 245 -20.98 16.22 -23.22
N LEU B 246 -21.21 16.96 -22.13
CA LEU B 246 -21.24 18.45 -22.12
C LEU B 246 -19.87 18.98 -22.56
N CYS B 247 -18.78 18.47 -21.97
CA CYS B 247 -17.39 18.88 -22.29
C CYS B 247 -17.07 18.58 -23.75
N ARG B 248 -17.57 17.46 -24.29
CA ARG B 248 -17.37 17.06 -25.71
C ARG B 248 -18.15 18.01 -26.63
N GLN B 249 -19.33 18.47 -26.19
CA GLN B 249 -20.19 19.42 -26.95
C GLN B 249 -19.43 20.75 -27.09
N ILE B 250 -18.83 21.25 -26.01
CA ILE B 250 -18.03 22.51 -25.97
C ILE B 250 -16.91 22.42 -26.99
N ILE B 251 -16.20 21.28 -27.04
CA ILE B 251 -15.03 21.03 -27.93
C ILE B 251 -15.49 21.04 -29.40
N SER B 252 -16.61 20.36 -29.70
CA SER B 252 -17.16 20.22 -31.08
C SER B 252 -17.75 21.55 -31.57
N GLU B 253 -18.31 22.35 -30.67
CA GLU B 253 -18.95 23.66 -30.98
C GLU B 253 -17.87 24.72 -31.23
N ASN B 254 -16.77 24.70 -30.45
CA ASN B 254 -15.69 25.72 -30.49
C ASN B 254 -14.50 25.20 -31.31
N THR B 255 -14.55 25.37 -32.64
CA THR B 255 -13.53 24.90 -33.61
C THR B 255 -12.74 26.09 -34.18
N GLN B 256 -12.90 27.28 -33.60
CA GLN B 256 -12.35 28.56 -34.15
C GLN B 256 -10.82 28.50 -34.22
N TYR B 257 -10.16 27.86 -33.24
CA TYR B 257 -8.68 27.86 -33.06
C TYR B 257 -8.04 26.63 -33.71
N SER B 258 -8.83 25.78 -34.37
CA SER B 258 -8.35 24.51 -35.01
C SER B 258 -8.91 24.40 -36.45
N ASN B 259 -9.13 25.54 -37.12
CA ASN B 259 -9.44 25.65 -38.57
C ASN B 259 -10.83 25.10 -38.90
N GLY B 260 -11.64 24.71 -37.91
CA GLY B 260 -13.00 24.18 -38.12
C GLY B 260 -13.10 22.68 -37.94
N ILE B 261 -11.98 22.02 -37.62
CA ILE B 261 -11.92 20.57 -37.25
C ILE B 261 -11.96 20.47 -35.73
N PRO B 262 -12.90 19.70 -35.13
CA PRO B 262 -12.92 19.51 -33.68
C PRO B 262 -11.56 19.04 -33.17
N SER B 263 -11.05 19.65 -32.10
CA SER B 263 -9.79 19.26 -31.42
C SER B 263 -9.89 17.80 -30.97
N SER B 264 -8.78 17.06 -31.04
CA SER B 264 -8.66 15.66 -30.58
C SER B 264 -8.16 15.63 -29.13
N ILE B 265 -8.19 16.77 -28.42
CA ILE B 265 -7.87 16.89 -26.97
C ILE B 265 -8.63 15.79 -26.22
N LYS B 266 -8.01 15.19 -25.20
CA LYS B 266 -8.55 14.02 -24.47
C LYS B 266 -9.17 14.49 -23.14
N ILE B 267 -10.33 13.93 -22.80
CA ILE B 267 -11.09 14.26 -21.56
C ILE B 267 -10.78 13.18 -20.52
N ILE B 268 -10.07 13.54 -19.45
CA ILE B 268 -9.78 12.67 -18.29
C ILE B 268 -10.72 13.08 -17.15
N SER B 269 -11.75 12.27 -16.89
CA SER B 269 -12.76 12.54 -15.83
C SER B 269 -12.16 12.22 -14.47
N LYS B 270 -12.18 13.20 -13.55
CA LYS B 270 -11.73 13.02 -12.14
C LYS B 270 -12.93 12.59 -11.30
N ILE B 271 -12.84 11.41 -10.67
CA ILE B 271 -13.84 10.89 -9.68
C ILE B 271 -13.42 11.42 -8.31
N GLU B 272 -14.12 12.45 -7.80
CA GLU B 272 -13.76 13.16 -6.55
C GLU B 272 -14.86 13.02 -5.48
N ASN B 273 -15.92 12.25 -5.74
CA ASN B 273 -17.07 12.12 -4.81
C ASN B 273 -17.82 10.81 -5.07
N LEU B 274 -18.75 10.46 -4.18
CA LEU B 274 -19.49 9.17 -4.22
C LEU B 274 -20.39 9.12 -5.47
N GLU B 275 -20.96 10.26 -5.87
CA GLU B 275 -21.80 10.35 -7.10
C GLU B 275 -21.00 9.79 -8.29
N GLY B 276 -19.75 10.22 -8.43
CA GLY B 276 -18.83 9.77 -9.49
C GLY B 276 -18.60 8.28 -9.44
N VAL B 277 -18.41 7.72 -8.24
CA VAL B 277 -18.18 6.27 -8.01
C VAL B 277 -19.43 5.49 -8.44
N ILE B 278 -20.59 5.93 -7.98
CA ILE B 278 -21.93 5.33 -8.33
C ILE B 278 -22.04 5.25 -9.86
N ASN B 279 -21.67 6.31 -10.57
CA ASN B 279 -21.91 6.49 -12.02
C ASN B 279 -20.64 6.14 -12.83
N PHE B 280 -19.67 5.45 -12.23
CA PHE B 280 -18.32 5.23 -12.83
C PHE B 280 -18.44 4.60 -14.23
N ASP B 281 -19.13 3.47 -14.36
CA ASP B 281 -19.28 2.70 -15.62
C ASP B 281 -19.60 3.65 -16.78
N SER B 282 -20.58 4.53 -16.59
CA SER B 282 -21.03 5.54 -17.58
C SER B 282 -19.91 6.53 -17.87
N ILE B 283 -19.35 7.13 -16.81
CA ILE B 283 -18.26 8.15 -16.88
C ILE B 283 -17.09 7.54 -17.67
N CYS B 284 -16.59 6.39 -17.21
CA CYS B 284 -15.44 5.64 -17.77
C CYS B 284 -15.63 5.40 -19.28
N SER B 285 -16.85 5.04 -19.68
CA SER B 285 -17.23 4.75 -21.09
C SER B 285 -17.11 6.02 -21.94
N GLU B 286 -17.64 7.15 -21.43
CA GLU B 286 -17.68 8.46 -22.13
C GLU B 286 -16.28 9.08 -22.23
N SER B 287 -15.48 8.95 -21.16
CA SER B 287 -14.15 9.61 -21.02
C SER B 287 -13.08 8.87 -21.85
N ASP B 288 -11.98 9.55 -22.17
CA ASP B 288 -10.78 8.96 -22.82
C ASP B 288 -9.84 8.39 -21.74
N GLY B 289 -10.05 8.78 -20.49
CA GLY B 289 -9.28 8.29 -19.33
C GLY B 289 -9.97 8.64 -18.03
N ILE B 290 -9.39 8.21 -16.90
CA ILE B 290 -9.93 8.40 -15.53
C ILE B 290 -8.79 8.80 -14.60
N MET B 291 -9.08 9.70 -13.67
CA MET B 291 -8.14 10.23 -12.64
C MET B 291 -8.79 10.03 -11.26
N VAL B 292 -8.10 9.33 -10.35
CA VAL B 292 -8.62 9.04 -8.98
C VAL B 292 -7.54 9.43 -7.96
N ALA B 293 -7.93 10.16 -6.92
CA ALA B 293 -7.06 10.55 -5.78
C ALA B 293 -7.72 10.08 -4.47
N ARG B 294 -6.94 9.40 -3.62
CA ARG B 294 -7.37 8.94 -2.27
C ARG B 294 -7.86 10.14 -1.45
N GLY B 295 -7.15 11.27 -1.55
CA GLY B 295 -7.44 12.51 -0.79
C GLY B 295 -8.83 13.07 -1.09
N ASP B 296 -9.33 12.91 -2.32
CA ASP B 296 -10.64 13.46 -2.77
C ASP B 296 -11.77 12.57 -2.28
N LEU B 297 -11.68 11.25 -2.53
CA LEU B 297 -12.71 10.23 -2.16
C LEU B 297 -12.80 10.12 -0.64
N GLY B 298 -11.86 10.72 0.09
CA GLY B 298 -11.77 10.68 1.56
C GLY B 298 -13.03 11.18 2.22
N MET B 299 -13.74 12.09 1.53
CA MET B 299 -14.87 12.90 2.04
C MET B 299 -16.06 12.01 2.43
N GLU B 300 -16.82 11.51 1.45
CA GLU B 300 -18.15 10.86 1.63
C GLU B 300 -17.98 9.36 1.92
N ILE B 301 -16.84 8.79 1.52
CA ILE B 301 -16.48 7.35 1.67
C ILE B 301 -15.55 7.22 2.88
N PRO B 302 -15.91 6.41 3.91
CA PRO B 302 -15.08 6.25 5.10
C PRO B 302 -13.63 5.88 4.76
N PRO B 303 -12.64 6.54 5.40
CA PRO B 303 -11.22 6.28 5.11
C PRO B 303 -10.83 4.81 4.90
N GLU B 304 -11.40 3.90 5.70
CA GLU B 304 -11.05 2.45 5.70
C GLU B 304 -11.71 1.72 4.52
N LYS B 305 -12.49 2.43 3.68
CA LYS B 305 -13.20 1.83 2.52
C LYS B 305 -12.63 2.35 1.18
N ILE B 306 -11.80 3.39 1.19
CA ILE B 306 -11.41 4.12 -0.05
C ILE B 306 -10.69 3.18 -1.01
N PHE B 307 -9.72 2.40 -0.51
CA PHE B 307 -8.89 1.48 -1.32
C PHE B 307 -9.80 0.53 -2.13
N VAL B 308 -10.95 0.14 -1.54
CA VAL B 308 -11.96 -0.74 -2.20
C VAL B 308 -12.39 -0.07 -3.52
N ALA B 309 -12.81 1.20 -3.43
CA ALA B 309 -13.28 2.02 -4.57
C ALA B 309 -12.14 2.19 -5.59
N GLN B 310 -10.96 2.59 -5.11
CA GLN B 310 -9.80 2.95 -5.96
C GLN B 310 -9.34 1.71 -6.75
N LYS B 311 -9.21 0.56 -6.07
CA LYS B 311 -8.74 -0.71 -6.69
C LYS B 311 -9.75 -1.16 -7.74
N CYS B 312 -11.05 -1.03 -7.45
CA CYS B 312 -12.15 -1.48 -8.35
C CYS B 312 -12.18 -0.61 -9.61
N MET B 313 -12.13 0.71 -9.45
CA MET B 313 -12.19 1.67 -10.58
C MET B 313 -10.97 1.45 -11.50
N ILE B 314 -9.79 1.21 -10.91
CA ILE B 314 -8.53 0.95 -11.68
C ILE B 314 -8.71 -0.36 -12.47
N SER B 315 -9.19 -1.43 -11.82
CA SER B 315 -9.48 -2.74 -12.46
C SER B 315 -10.42 -2.54 -13.65
N LYS B 316 -11.55 -1.87 -13.41
CA LYS B 316 -12.60 -1.59 -14.43
C LYS B 316 -11.96 -0.90 -15.65
N CYS B 317 -11.09 0.09 -15.40
CA CYS B 317 -10.35 0.84 -16.45
C CYS B 317 -9.45 -0.12 -17.24
N ASN B 318 -8.72 -0.99 -16.54
CA ASN B 318 -7.78 -1.98 -17.16
C ASN B 318 -8.54 -2.84 -18.16
N VAL B 319 -9.75 -3.28 -17.81
CA VAL B 319 -10.62 -4.14 -18.65
C VAL B 319 -11.11 -3.32 -19.84
N ALA B 320 -11.65 -2.12 -19.57
CA ALA B 320 -12.24 -1.19 -20.58
C ALA B 320 -11.16 -0.69 -21.55
N GLY B 321 -9.88 -0.78 -21.17
CA GLY B 321 -8.75 -0.32 -22.00
C GLY B 321 -8.63 1.19 -22.02
N LYS B 322 -9.05 1.84 -20.92
CA LYS B 322 -8.96 3.31 -20.73
C LYS B 322 -7.84 3.58 -19.73
N PRO B 323 -6.89 4.49 -20.04
CA PRO B 323 -5.81 4.82 -19.11
C PRO B 323 -6.38 5.42 -17.83
N VAL B 324 -5.90 4.95 -16.67
CA VAL B 324 -6.30 5.44 -15.32
C VAL B 324 -5.07 6.01 -14.61
N VAL B 325 -5.23 7.20 -14.02
CA VAL B 325 -4.17 7.94 -13.27
C VAL B 325 -4.48 7.81 -11.78
N THR B 326 -3.53 7.31 -10.98
CA THR B 326 -3.53 7.48 -9.50
C THR B 326 -2.99 8.89 -9.21
N ALA B 327 -3.89 9.83 -8.92
CA ALA B 327 -3.59 11.26 -8.70
C ALA B 327 -3.24 11.52 -7.23
N THR B 328 -3.40 10.52 -6.37
CA THR B 328 -2.97 10.54 -4.94
C THR B 328 -1.59 11.20 -4.83
N GLN B 329 -1.43 12.17 -3.93
CA GLN B 329 -0.11 12.68 -3.50
C GLN B 329 0.50 11.62 -2.56
N MET B 330 1.53 10.90 -3.04
CA MET B 330 2.05 9.66 -2.39
C MET B 330 3.47 9.89 -1.81
N LEU B 331 4.14 11.00 -2.16
CA LEU B 331 5.50 11.33 -1.63
C LEU B 331 5.44 12.69 -0.92
N GLU B 332 4.46 12.90 -0.02
CA GLU B 332 4.24 14.19 0.68
C GLU B 332 5.50 14.62 1.44
N SER B 333 6.19 13.68 2.10
CA SER B 333 7.40 13.93 2.92
C SER B 333 8.50 14.59 2.07
N MET B 334 8.48 14.39 0.75
CA MET B 334 9.51 14.87 -0.20
C MET B 334 9.26 16.33 -0.59
N ILE B 335 8.22 16.98 -0.05
CA ILE B 335 8.00 18.45 -0.20
C ILE B 335 9.09 19.18 0.59
N LYS B 336 9.56 18.60 1.71
CA LYS B 336 10.55 19.19 2.64
C LYS B 336 11.86 18.39 2.68
N SER B 337 11.81 17.07 2.42
CA SER B 337 12.96 16.14 2.55
C SER B 337 13.50 15.75 1.18
N ASN B 338 14.77 15.32 1.10
CA ASN B 338 15.43 14.85 -0.16
C ASN B 338 15.20 13.34 -0.29
N ARG B 339 14.74 12.67 0.76
CA ARG B 339 14.39 11.21 0.77
C ARG B 339 12.92 11.03 1.12
N PRO B 340 12.25 9.99 0.57
CA PRO B 340 10.91 9.61 1.00
C PRO B 340 10.96 8.63 2.19
N THR B 341 9.80 8.23 2.71
CA THR B 341 9.66 7.16 3.73
C THR B 341 9.46 5.82 3.02
N ARG B 342 9.71 4.71 3.71
CA ARG B 342 9.52 3.34 3.18
C ARG B 342 8.04 3.10 2.89
N ALA B 343 7.16 3.64 3.74
CA ALA B 343 5.69 3.58 3.61
C ALA B 343 5.26 4.17 2.26
N GLU B 344 5.81 5.35 1.93
CA GLU B 344 5.46 6.13 0.71
C GLU B 344 5.84 5.34 -0.55
N MET B 345 6.97 4.62 -0.52
CA MET B 345 7.45 3.81 -1.66
C MET B 345 6.53 2.60 -1.87
N THR B 346 6.20 1.90 -0.79
CA THR B 346 5.24 0.75 -0.77
C THR B 346 3.89 1.24 -1.32
N ASP B 347 3.50 2.47 -0.97
CA ASP B 347 2.21 3.09 -1.40
C ASP B 347 2.22 3.26 -2.92
N VAL B 348 3.33 3.77 -3.48
CA VAL B 348 3.51 3.98 -4.95
C VAL B 348 3.49 2.61 -5.64
N ALA B 349 4.30 1.66 -5.16
CA ALA B 349 4.42 0.29 -5.69
C ALA B 349 3.03 -0.34 -5.83
N ASN B 350 2.20 -0.22 -4.79
CA ASN B 350 0.85 -0.84 -4.74
C ASN B 350 -0.06 -0.14 -5.77
N ALA B 351 0.09 1.17 -5.95
CA ALA B 351 -0.65 1.95 -6.97
C ALA B 351 -0.36 1.36 -8.37
N VAL B 352 0.91 0.99 -8.61
CA VAL B 352 1.37 0.41 -9.91
C VAL B 352 0.82 -1.01 -10.06
N LEU B 353 0.97 -1.83 -9.02
CA LEU B 353 0.52 -3.25 -9.00
C LEU B 353 -1.00 -3.32 -9.12
N ASP B 354 -1.72 -2.33 -8.56
CA ASP B 354 -3.20 -2.19 -8.65
C ASP B 354 -3.62 -2.05 -10.11
N GLY B 355 -2.72 -1.52 -10.96
CA GLY B 355 -2.89 -1.46 -12.42
C GLY B 355 -2.89 -0.04 -12.98
N SER B 356 -2.43 0.94 -12.19
CA SER B 356 -2.30 2.36 -12.61
C SER B 356 -1.50 2.45 -13.92
N ASP B 357 -2.01 3.20 -14.89
CA ASP B 357 -1.28 3.56 -16.14
C ASP B 357 -0.27 4.66 -15.85
N CYS B 358 -0.53 5.45 -14.80
CA CYS B 358 0.00 6.83 -14.64
C CYS B 358 -0.05 7.23 -13.16
N VAL B 359 1.01 7.88 -12.68
CA VAL B 359 1.10 8.44 -11.30
C VAL B 359 1.25 9.96 -11.42
N MET B 360 1.09 10.69 -10.31
CA MET B 360 1.06 12.18 -10.34
C MET B 360 1.80 12.75 -9.13
N LEU B 361 2.63 13.76 -9.38
CA LEU B 361 3.27 14.61 -8.35
C LEU B 361 2.55 15.96 -8.31
N SER B 362 2.18 16.42 -7.12
CA SER B 362 1.41 17.65 -6.86
C SER B 362 2.33 18.68 -6.17
N GLY B 363 2.28 18.76 -4.84
CA GLY B 363 3.15 19.63 -4.02
C GLY B 363 4.62 19.32 -4.21
N GLU B 364 4.96 18.05 -4.47
CA GLU B 364 6.36 17.57 -4.56
C GLU B 364 7.09 18.31 -5.68
N THR B 365 6.39 18.67 -6.76
CA THR B 365 6.93 19.42 -7.93
C THR B 365 6.47 20.88 -7.90
N ALA B 366 5.22 21.15 -7.52
CA ALA B 366 4.54 22.46 -7.72
C ALA B 366 5.07 23.51 -6.74
N ASN B 367 5.22 23.17 -5.46
CA ASN B 367 5.82 24.06 -4.43
C ASN B 367 6.55 23.20 -3.38
N GLY B 368 7.63 22.54 -3.78
CA GLY B 368 8.48 21.70 -2.92
C GLY B 368 9.95 22.02 -3.11
N ALA B 369 10.82 21.49 -2.25
CA ALA B 369 12.26 21.80 -2.16
C ALA B 369 13.09 20.88 -3.07
N PHE B 370 12.51 19.77 -3.54
CA PHE B 370 13.24 18.72 -4.31
C PHE B 370 12.35 18.12 -5.39
N PRO B 371 11.94 18.91 -6.41
CA PRO B 371 11.14 18.39 -7.53
C PRO B 371 11.83 17.26 -8.30
N PHE B 372 13.12 17.44 -8.62
CA PHE B 372 13.92 16.48 -9.43
C PHE B 372 14.02 15.15 -8.69
N ASP B 373 14.32 15.20 -7.39
CA ASP B 373 14.47 14.01 -6.51
C ASP B 373 13.13 13.30 -6.40
N ALA B 374 12.03 14.05 -6.28
CA ALA B 374 10.65 13.52 -6.17
C ALA B 374 10.30 12.71 -7.42
N VAL B 375 10.52 13.26 -8.61
CA VAL B 375 10.25 12.59 -9.92
C VAL B 375 11.18 11.38 -10.05
N ASN B 376 12.44 11.53 -9.64
CA ASN B 376 13.47 10.45 -9.70
C ASN B 376 13.01 9.26 -8.86
N VAL B 377 12.63 9.50 -7.60
CA VAL B 377 12.14 8.46 -6.65
C VAL B 377 10.91 7.77 -7.27
N MET B 378 9.92 8.55 -7.69
CA MET B 378 8.66 8.05 -8.31
C MET B 378 9.00 7.09 -9.45
N SER B 379 9.96 7.46 -10.30
CA SER B 379 10.41 6.67 -11.48
C SER B 379 11.01 5.34 -11.03
N ARG B 380 11.97 5.37 -10.09
CA ARG B 380 12.73 4.17 -9.63
C ARG B 380 11.75 3.16 -9.00
N VAL B 381 10.87 3.62 -8.11
CA VAL B 381 9.89 2.76 -7.39
C VAL B 381 8.98 2.10 -8.42
N CYS B 382 8.42 2.90 -9.33
CA CYS B 382 7.52 2.45 -10.44
C CYS B 382 8.21 1.33 -11.23
N ALA B 383 9.47 1.53 -11.63
CA ALA B 383 10.29 0.57 -12.39
C ALA B 383 10.37 -0.75 -11.63
N GLN B 384 10.59 -0.70 -10.30
CA GLN B 384 10.74 -1.89 -9.43
C GLN B 384 9.40 -2.63 -9.31
N ALA B 385 8.32 -1.90 -9.02
CA ALA B 385 6.96 -2.47 -8.83
C ALA B 385 6.49 -3.18 -10.10
N GLU B 386 6.94 -2.69 -11.28
CA GLU B 386 6.54 -3.23 -12.61
C GLU B 386 7.15 -4.63 -12.82
N THR B 387 8.29 -4.95 -12.19
CA THR B 387 8.97 -6.26 -12.31
C THR B 387 8.15 -7.34 -11.60
N CYS B 388 7.32 -6.95 -10.63
CA CYS B 388 6.50 -7.86 -9.78
C CYS B 388 5.16 -8.20 -10.45
N ILE B 389 4.88 -7.61 -11.62
CA ILE B 389 3.63 -7.88 -12.40
C ILE B 389 3.77 -9.25 -13.06
N ASP B 390 2.85 -10.17 -12.77
CA ASP B 390 2.71 -11.47 -13.49
C ASP B 390 1.95 -11.19 -14.79
N TYR B 391 2.68 -11.11 -15.91
CA TYR B 391 2.21 -10.59 -17.21
C TYR B 391 1.28 -11.59 -17.88
N PRO B 392 1.71 -12.85 -18.13
CA PRO B 392 0.79 -13.90 -18.61
C PRO B 392 -0.61 -13.87 -17.98
N VAL B 393 -0.71 -13.88 -16.65
CA VAL B 393 -1.99 -13.82 -15.88
C VAL B 393 -2.80 -12.59 -16.33
N LEU B 394 -2.12 -11.45 -16.49
CA LEU B 394 -2.73 -10.13 -16.80
C LEU B 394 -3.24 -10.11 -18.25
N TYR B 395 -2.45 -10.63 -19.20
CA TYR B 395 -2.79 -10.67 -20.65
C TYR B 395 -4.03 -11.54 -20.85
N HIS B 396 -3.99 -12.81 -20.43
CA HIS B 396 -5.07 -13.81 -20.58
C HIS B 396 -6.34 -13.31 -19.89
N ALA B 397 -6.20 -12.53 -18.81
CA ALA B 397 -7.32 -11.86 -18.09
C ALA B 397 -8.04 -10.89 -19.02
N ILE B 398 -7.28 -9.98 -19.64
CA ILE B 398 -7.81 -8.88 -20.51
C ILE B 398 -8.24 -9.46 -21.86
N HIS B 399 -7.50 -10.43 -22.40
CA HIS B 399 -7.78 -11.09 -23.71
C HIS B 399 -9.15 -11.76 -23.68
N SER B 400 -9.50 -12.39 -22.55
CA SER B 400 -10.76 -13.15 -22.34
C SER B 400 -11.93 -12.23 -21.98
N SER B 401 -11.67 -10.94 -21.78
CA SER B 401 -12.68 -9.90 -21.45
C SER B 401 -13.30 -9.34 -22.75
N VAL B 402 -12.56 -9.37 -23.86
CA VAL B 402 -12.99 -8.82 -25.18
C VAL B 402 -13.72 -9.92 -25.94
N PRO B 403 -14.92 -9.64 -26.50
CA PRO B 403 -15.66 -10.62 -27.30
C PRO B 403 -15.14 -10.70 -28.74
N LYS B 404 -15.10 -11.91 -29.31
CA LYS B 404 -14.64 -12.18 -30.69
C LYS B 404 -15.87 -12.27 -31.60
N PRO B 405 -15.77 -11.95 -32.92
CA PRO B 405 -14.53 -11.45 -33.53
C PRO B 405 -14.20 -10.00 -33.14
N VAL B 406 -12.96 -9.57 -33.40
CA VAL B 406 -12.45 -8.21 -33.08
C VAL B 406 -12.06 -7.51 -34.39
N ALA B 407 -11.85 -6.19 -34.32
CA ALA B 407 -11.33 -5.36 -35.43
C ALA B 407 -9.86 -5.71 -35.65
N VAL B 408 -9.38 -5.58 -36.88
CA VAL B 408 -8.02 -6.03 -37.31
C VAL B 408 -6.97 -5.43 -36.38
N PRO B 409 -6.96 -4.10 -36.11
CA PRO B 409 -5.94 -3.49 -35.26
C PRO B 409 -5.78 -4.17 -33.88
N GLU B 410 -6.88 -4.57 -33.25
CA GLU B 410 -6.88 -5.21 -31.91
C GLU B 410 -6.27 -6.61 -32.02
N ALA B 411 -6.49 -7.31 -33.14
CA ALA B 411 -5.90 -8.63 -33.43
C ALA B 411 -4.39 -8.48 -33.67
N ILE B 412 -3.99 -7.45 -34.42
CA ILE B 412 -2.56 -7.08 -34.64
C ILE B 412 -1.92 -6.74 -33.30
N ALA B 413 -2.62 -5.98 -32.46
CA ALA B 413 -2.15 -5.55 -31.11
C ALA B 413 -1.83 -6.79 -30.26
N CYS B 414 -2.73 -7.78 -30.22
CA CYS B 414 -2.58 -9.04 -29.45
C CYS B 414 -1.36 -9.82 -29.95
N SER B 415 -1.25 -10.02 -31.26
CA SER B 415 -0.15 -10.78 -31.92
C SER B 415 1.18 -10.11 -31.61
N ALA B 416 1.23 -8.78 -31.62
CA ALA B 416 2.40 -7.96 -31.23
C ALA B 416 2.86 -8.35 -29.83
N VAL B 417 1.93 -8.30 -28.86
CA VAL B 417 2.21 -8.56 -27.41
C VAL B 417 2.58 -10.04 -27.23
N GLU B 418 1.85 -10.94 -27.89
CA GLU B 418 2.09 -12.42 -27.83
C GLU B 418 3.48 -12.73 -28.39
N SER B 419 3.74 -12.36 -29.65
CA SER B 419 5.03 -12.56 -30.36
C SER B 419 6.18 -12.02 -29.50
N ALA B 420 6.03 -10.79 -28.99
CA ALA B 420 7.03 -10.08 -28.16
C ALA B 420 7.46 -10.98 -26.99
N HIS B 421 6.49 -11.54 -26.27
CA HIS B 421 6.72 -12.43 -25.10
C HIS B 421 7.36 -13.73 -25.57
N ASP B 422 6.79 -14.37 -26.60
CA ASP B 422 7.19 -15.71 -27.08
C ASP B 422 8.68 -15.71 -27.48
N VAL B 423 9.19 -14.64 -28.10
CA VAL B 423 10.60 -14.58 -28.60
C VAL B 423 11.44 -13.64 -27.71
N ASN B 424 10.87 -13.13 -26.63
CA ASN B 424 11.57 -12.27 -25.63
C ASN B 424 12.12 -11.01 -26.32
N ALA B 425 11.27 -10.33 -27.10
CA ALA B 425 11.56 -9.01 -27.69
C ALA B 425 11.69 -7.97 -26.57
N LYS B 426 12.43 -6.89 -26.82
CA LYS B 426 12.68 -5.78 -25.86
C LYS B 426 11.82 -4.57 -26.22
N LEU B 427 11.24 -4.55 -27.43
CA LEU B 427 10.51 -3.37 -27.96
C LEU B 427 9.31 -3.83 -28.80
N ILE B 428 8.22 -3.05 -28.76
CA ILE B 428 7.09 -3.11 -29.73
C ILE B 428 6.97 -1.74 -30.38
N ILE B 429 7.24 -1.65 -31.68
CA ILE B 429 7.18 -0.41 -32.50
C ILE B 429 5.88 -0.42 -33.30
N THR B 430 5.12 0.67 -33.25
CA THR B 430 3.86 0.87 -34.02
C THR B 430 3.97 2.18 -34.79
N ILE B 431 3.84 2.12 -36.12
CA ILE B 431 3.72 3.31 -37.02
C ILE B 431 2.23 3.64 -37.15
N THR B 432 1.82 4.84 -36.75
CA THR B 432 0.39 5.22 -36.60
C THR B 432 0.19 6.70 -36.98
N GLU B 433 -0.96 7.01 -37.57
CA GLU B 433 -1.42 8.41 -37.85
C GLU B 433 -2.38 8.87 -36.74
N THR B 434 -2.91 7.94 -35.94
CA THR B 434 -4.01 8.17 -34.97
C THR B 434 -3.56 7.86 -33.54
N GLY B 435 -2.70 6.85 -33.34
CA GLY B 435 -2.31 6.32 -32.02
C GLY B 435 -3.23 5.20 -31.57
N ASN B 436 -4.12 4.74 -32.47
CA ASN B 436 -5.16 3.71 -32.19
C ASN B 436 -4.49 2.41 -31.74
N THR B 437 -3.53 1.90 -32.53
CA THR B 437 -2.87 0.59 -32.32
C THR B 437 -2.00 0.64 -31.05
N ALA B 438 -1.38 1.79 -30.77
CA ALA B 438 -0.54 2.03 -29.56
C ALA B 438 -1.40 1.91 -28.30
N ARG B 439 -2.57 2.56 -28.30
CA ARG B 439 -3.55 2.52 -27.19
C ARG B 439 -4.03 1.07 -26.98
N LEU B 440 -4.25 0.34 -28.07
CA LEU B 440 -4.70 -1.08 -28.03
C LEU B 440 -3.58 -1.95 -27.45
N ILE B 441 -2.35 -1.82 -27.94
CA ILE B 441 -1.18 -2.58 -27.41
C ILE B 441 -1.06 -2.30 -25.91
N SER B 442 -1.13 -1.02 -25.52
CA SER B 442 -1.00 -0.56 -24.11
C SER B 442 -2.03 -1.26 -23.22
N LYS B 443 -3.22 -1.53 -23.76
CA LYS B 443 -4.36 -2.18 -23.05
C LYS B 443 -3.99 -3.61 -22.65
N TYR B 444 -3.19 -4.31 -23.47
CA TYR B 444 -2.75 -5.71 -23.26
C TYR B 444 -1.49 -5.76 -22.38
N ARG B 445 -1.02 -4.59 -21.94
CA ARG B 445 -0.03 -4.42 -20.82
C ARG B 445 1.20 -5.30 -21.08
N PRO B 446 1.96 -5.09 -22.17
CA PRO B 446 3.19 -5.83 -22.40
C PRO B 446 4.34 -5.40 -21.46
N SER B 447 5.31 -6.29 -21.26
CA SER B 447 6.56 -6.02 -20.49
C SER B 447 7.47 -5.08 -21.30
N GLN B 448 7.35 -5.08 -22.62
CA GLN B 448 8.18 -4.29 -23.55
C GLN B 448 7.69 -2.83 -23.59
N THR B 449 8.60 -1.88 -23.73
CA THR B 449 8.28 -0.47 -24.04
C THR B 449 7.64 -0.43 -25.43
N ILE B 450 6.54 0.31 -25.56
CA ILE B 450 5.88 0.60 -26.87
C ILE B 450 6.47 1.92 -27.39
N ILE B 451 6.91 1.95 -28.66
CA ILE B 451 7.34 3.19 -29.37
C ILE B 451 6.33 3.50 -30.48
N ALA B 452 5.52 4.54 -30.29
CA ALA B 452 4.52 5.03 -31.28
C ALA B 452 5.21 6.01 -32.23
N CYS B 453 5.55 5.56 -33.45
CA CYS B 453 6.15 6.41 -34.52
C CYS B 453 5.02 7.09 -35.30
N THR B 454 5.05 8.42 -35.34
CA THR B 454 3.95 9.26 -35.89
C THR B 454 4.54 10.55 -36.48
N ALA B 455 3.83 11.13 -37.44
CA ALA B 455 4.16 12.43 -38.08
C ALA B 455 3.43 13.57 -37.33
N LYS B 456 2.37 13.24 -36.58
CA LYS B 456 1.47 14.22 -35.91
C LYS B 456 1.88 14.34 -34.45
N PRO B 457 2.51 15.47 -34.03
CA PRO B 457 2.89 15.68 -32.63
C PRO B 457 1.76 15.53 -31.59
N GLU B 458 0.53 15.97 -31.90
CA GLU B 458 -0.60 15.92 -30.93
C GLU B 458 -1.01 14.46 -30.72
N VAL B 459 -0.77 13.58 -31.70
CA VAL B 459 -0.97 12.11 -31.54
C VAL B 459 0.08 11.58 -30.55
N ALA B 460 1.32 12.05 -30.67
CA ALA B 460 2.44 11.66 -29.78
C ALA B 460 2.13 12.10 -28.34
N ARG B 461 1.80 13.37 -28.14
CA ARG B 461 1.50 13.96 -26.80
C ARG B 461 0.29 13.26 -26.18
N GLY B 462 -0.75 13.01 -26.99
CA GLY B 462 -2.02 12.38 -26.56
C GLY B 462 -1.83 10.99 -25.98
N LEU B 463 -0.72 10.32 -26.30
CA LEU B 463 -0.42 8.92 -25.89
C LEU B 463 0.33 8.88 -24.54
N LYS B 464 0.66 10.03 -23.95
CA LYS B 464 1.64 10.12 -22.83
C LYS B 464 1.00 9.78 -21.46
N ILE B 465 -0.28 9.43 -21.40
CA ILE B 465 -0.93 8.87 -20.17
C ILE B 465 -1.06 7.35 -20.31
N ALA B 466 -0.89 6.81 -21.51
CA ALA B 466 -0.99 5.35 -21.81
C ALA B 466 0.27 4.64 -21.31
N ARG B 467 0.10 3.65 -20.43
CA ARG B 467 1.22 2.88 -19.81
C ARG B 467 2.16 2.37 -20.90
N GLY B 468 3.44 2.74 -20.81
CA GLY B 468 4.55 2.10 -21.56
C GLY B 468 4.77 2.70 -22.94
N VAL B 469 4.03 3.73 -23.32
CA VAL B 469 4.11 4.35 -24.68
C VAL B 469 5.13 5.50 -24.64
N LYS B 470 6.33 5.26 -25.19
CA LYS B 470 7.23 6.33 -25.68
C LYS B 470 6.80 6.64 -27.12
N THR B 471 7.17 7.80 -27.64
CA THR B 471 6.74 8.29 -28.98
C THR B 471 7.96 8.87 -29.70
N TYR B 472 8.03 8.68 -31.02
CA TYR B 472 9.04 9.30 -31.92
C TYR B 472 8.30 10.07 -33.02
N VAL B 473 8.42 11.40 -33.00
CA VAL B 473 7.76 12.33 -33.96
C VAL B 473 8.67 12.51 -35.18
N LEU B 474 8.18 12.13 -36.37
CA LEU B 474 8.94 12.16 -37.65
C LEU B 474 8.28 13.15 -38.61
N ASN B 475 8.93 13.45 -39.73
CA ASN B 475 8.41 14.35 -40.80
C ASN B 475 7.55 13.53 -41.76
N SER B 476 7.88 12.25 -41.94
CA SER B 476 7.12 11.28 -42.77
C SER B 476 7.09 9.92 -42.09
N ILE B 477 6.06 9.13 -42.39
CA ILE B 477 5.93 7.70 -41.94
C ILE B 477 5.64 6.82 -43.17
N HIS B 478 5.99 7.30 -44.37
CA HIS B 478 5.56 6.71 -45.65
C HIS B 478 6.46 5.52 -46.01
N HIS B 479 7.75 5.59 -45.71
CA HIS B 479 8.73 4.49 -45.96
C HIS B 479 8.93 3.70 -44.65
N SER B 480 8.14 2.64 -44.47
CA SER B 480 8.03 1.83 -43.22
C SER B 480 9.39 1.28 -42.81
N GLU B 481 10.13 0.72 -43.77
CA GLU B 481 11.49 0.14 -43.56
C GLU B 481 12.39 1.19 -42.89
N VAL B 482 12.32 2.46 -43.31
CA VAL B 482 13.21 3.56 -42.82
C VAL B 482 12.75 3.98 -41.43
N VAL B 483 11.44 4.10 -41.20
CA VAL B 483 10.83 4.51 -39.89
C VAL B 483 11.31 3.52 -38.82
N ILE B 484 11.26 2.22 -39.11
CA ILE B 484 11.63 1.12 -38.18
C ILE B 484 13.15 1.15 -37.95
N SER B 485 13.94 1.35 -39.01
CA SER B 485 15.43 1.51 -38.94
C SER B 485 15.80 2.64 -37.98
N ASN B 486 15.22 3.83 -38.21
CA ASN B 486 15.50 5.08 -37.45
C ASN B 486 15.02 4.93 -36.01
N ALA B 487 13.91 4.20 -35.79
CA ALA B 487 13.29 3.98 -34.48
C ALA B 487 14.18 3.06 -33.65
N LEU B 488 14.67 1.97 -34.26
CA LEU B 488 15.59 1.00 -33.62
C LEU B 488 16.90 1.70 -33.28
N ALA B 489 17.41 2.56 -34.17
CA ALA B 489 18.64 3.35 -33.98
C ALA B 489 18.47 4.29 -32.77
N LEU B 490 17.36 5.02 -32.72
CA LEU B 490 17.06 5.99 -31.63
C LEU B 490 16.85 5.24 -30.31
N ALA B 491 16.13 4.12 -30.35
CA ALA B 491 15.87 3.23 -29.18
C ALA B 491 17.20 2.67 -28.66
N LYS B 492 18.16 2.43 -29.54
CA LYS B 492 19.54 1.97 -29.21
C LYS B 492 20.24 3.06 -28.40
N GLU B 493 20.12 4.32 -28.86
CA GLU B 493 20.75 5.52 -28.22
C GLU B 493 20.02 5.89 -26.93
N GLU B 494 18.81 5.34 -26.71
CA GLU B 494 18.01 5.57 -25.48
C GLU B 494 18.13 4.35 -24.55
N SER B 495 19.02 3.41 -24.85
CA SER B 495 19.36 2.21 -24.03
C SER B 495 18.10 1.35 -23.79
N LEU B 496 17.19 1.29 -24.77
CA LEU B 496 15.94 0.48 -24.72
C LEU B 496 16.19 -0.91 -25.32
N ILE B 497 17.16 -1.02 -26.24
CA ILE B 497 17.47 -2.26 -27.02
C ILE B 497 18.94 -2.24 -27.42
N GLU B 498 19.52 -3.41 -27.68
CA GLU B 498 20.90 -3.58 -28.22
C GLU B 498 20.86 -4.39 -29.51
N SER B 499 21.97 -4.42 -30.25
CA SER B 499 22.14 -5.22 -31.50
C SER B 499 21.83 -6.69 -31.19
N GLY B 500 21.12 -7.37 -32.10
CA GLY B 500 20.81 -8.82 -32.00
C GLY B 500 19.53 -9.10 -31.23
N ASP B 501 19.07 -8.15 -30.41
CA ASP B 501 17.77 -8.23 -29.69
C ASP B 501 16.63 -8.17 -30.71
N PHE B 502 15.54 -8.88 -30.45
CA PHE B 502 14.30 -8.86 -31.27
C PHE B 502 13.47 -7.62 -30.91
N ALA B 503 12.76 -7.08 -31.91
CA ALA B 503 11.70 -6.06 -31.76
C ALA B 503 10.51 -6.48 -32.62
N ILE B 504 9.29 -6.22 -32.14
CA ILE B 504 8.05 -6.34 -32.95
C ILE B 504 7.81 -4.98 -33.62
N ALA B 505 7.64 -4.97 -34.94
CA ALA B 505 7.21 -3.78 -35.72
C ALA B 505 5.78 -4.02 -36.21
N VAL B 506 4.94 -3.01 -36.12
CA VAL B 506 3.49 -3.07 -36.47
C VAL B 506 3.13 -1.81 -37.27
N HIS B 507 2.54 -1.97 -38.46
CA HIS B 507 2.07 -0.84 -39.30
C HIS B 507 1.03 -1.33 -40.32
N GLY B 508 0.32 -0.39 -40.93
CA GLY B 508 -0.55 -0.64 -42.09
C GLY B 508 0.23 -0.57 -43.39
N VAL B 509 -0.26 -1.23 -44.43
CA VAL B 509 0.19 -1.05 -45.85
C VAL B 509 -1.04 -0.58 -46.64
N LYS B 510 -0.89 0.46 -47.46
CA LYS B 510 -2.04 1.10 -48.15
C LYS B 510 -2.30 0.40 -49.49
N GLU B 511 -1.27 -0.09 -50.17
CA GLU B 511 -1.36 -0.73 -51.51
C GLU B 511 -0.40 -1.92 -51.63
N SER B 512 -0.76 -2.92 -52.45
CA SER B 512 0.10 -4.03 -52.92
C SER B 512 0.56 -4.92 -51.76
N CYS B 513 -0.32 -5.16 -50.78
CA CYS B 513 -0.01 -5.97 -49.56
C CYS B 513 -0.14 -7.48 -49.78
N PRO B 514 -1.08 -8.02 -50.61
CA PRO B 514 -1.95 -7.29 -51.53
C PRO B 514 -3.11 -6.50 -50.89
N GLY B 515 -3.61 -5.51 -51.64
CA GLY B 515 -4.62 -4.53 -51.18
C GLY B 515 -4.08 -3.67 -50.06
N SER B 516 -4.96 -3.15 -49.20
CA SER B 516 -4.60 -2.56 -47.88
C SER B 516 -4.61 -3.68 -46.84
N CYS B 517 -3.84 -3.53 -45.76
CA CYS B 517 -3.71 -4.52 -44.66
C CYS B 517 -3.09 -3.87 -43.43
N ASN B 518 -3.06 -4.61 -42.32
CA ASN B 518 -2.18 -4.35 -41.14
C ASN B 518 -1.31 -5.59 -40.93
N LEU B 519 -0.03 -5.40 -40.64
CA LEU B 519 0.93 -6.52 -40.46
C LEU B 519 1.77 -6.32 -39.20
N MET B 520 2.49 -7.37 -38.84
CA MET B 520 3.36 -7.47 -37.64
C MET B 520 4.65 -8.16 -38.09
N LYS B 521 5.78 -7.46 -37.98
CA LYS B 521 7.13 -8.01 -38.31
C LYS B 521 7.86 -8.34 -37.01
N ILE B 522 8.55 -9.49 -36.98
CA ILE B 522 9.54 -9.81 -35.92
C ILE B 522 10.92 -9.52 -36.53
N VAL B 523 11.48 -8.36 -36.20
CA VAL B 523 12.77 -7.87 -36.74
C VAL B 523 13.85 -8.00 -35.66
N ARG B 524 15.10 -7.90 -36.09
CA ARG B 524 16.32 -7.93 -35.23
C ARG B 524 16.99 -6.57 -35.31
N CYS B 525 17.32 -5.96 -34.16
CA CYS B 525 18.04 -4.68 -34.06
C CYS B 525 19.46 -4.87 -34.59
N PRO B 526 19.92 -4.08 -35.58
CA PRO B 526 21.28 -4.19 -36.10
C PRO B 526 22.30 -3.44 -35.23
#